data_3CE7
# 
_entry.id   3CE7 
# 
_audit_conform.dict_name       mmcif_pdbx.dic 
_audit_conform.dict_version    5.377 
_audit_conform.dict_location   http://mmcif.pdb.org/dictionaries/ascii/mmcif_pdbx.dic 
# 
loop_
_database_2.database_id 
_database_2.database_code 
_database_2.pdbx_database_accession 
_database_2.pdbx_DOI 
PDB   3CE7         pdb_00003ce7 10.2210/pdb3ce7/pdb 
RCSB  RCSB046667   ?            ?                   
WWPDB D_1000046667 ?            ?                   
# 
_pdbx_database_status.entry_id                        3CE7 
_pdbx_database_status.deposit_site                    RCSB 
_pdbx_database_status.process_site                    RCSB 
_pdbx_database_status.recvd_initial_deposition_date   2008-02-28 
_pdbx_database_status.status_code                     REL 
_pdbx_database_status.status_code_sf                  REL 
_pdbx_database_status.status_code_mr                  ? 
_pdbx_database_status.SG_entry                        Y 
_pdbx_database_status.pdb_format_compatible           Y 
_pdbx_database_status.status_code_cs                  ? 
_pdbx_database_status.methods_development_category    ? 
_pdbx_database_status.status_code_nmr_data            ? 
# 
loop_
_audit_author.name 
_audit_author.pdbx_ordinal 
'Wernimont, A.K.'                      1  
'Dong, A.'                             2  
'Yang, C.'                             3  
'Khuu, C.'                             4  
'Lam, A.'                              5  
'Brand, V.'                            6  
'Kozieradzki, I.'                      7  
'Cossar, D.'                           8  
'Arrowsmith, C.H.'                     9  
'Bountra, C.'                          10 
'Edwards, A.M.'                        11 
'Weigelt, J.'                          12 
'Bochkarev, A.'                        13 
'Hui, R.'                              14 
'Qiu, W.'                              15 
'Structural Genomics Consortium (SGC)' 16 
# 
_citation.id                        primary 
_citation.title                     'Crystal structure of toxoplasma specific mitochondrial acyl carrier protein, 59.m03510.' 
_citation.journal_abbrev            'To be Published' 
_citation.journal_volume            ? 
_citation.page_first                ? 
_citation.page_last                 ? 
_citation.year                      ? 
_citation.journal_id_ASTM           ? 
_citation.country                   ? 
_citation.journal_id_ISSN           ? 
_citation.journal_id_CSD            0353 
_citation.book_publisher            ? 
_citation.pdbx_database_id_PubMed   ? 
_citation.pdbx_database_id_DOI      ? 
# 
loop_
_citation_author.citation_id 
_citation_author.name 
_citation_author.ordinal 
_citation_author.identifier_ORCID 
primary 'Wernimont, A.K.'  1  ? 
primary 'Dong, A.'         2  ? 
primary 'Yang, C.'         3  ? 
primary 'Khuu, C.'         4  ? 
primary 'Lin, Y.H.'        5  ? 
primary 'Lam, A.'          6  ? 
primary 'Brand, V.'        7  ? 
primary 'Kozieradzki, I.'  8  ? 
primary 'Cossar, D.'       9  ? 
primary 'Arrowsmith, C.H.' 10 ? 
primary 'Bountra, C.'      11 ? 
primary 'Edwards, A.M.'    12 ? 
primary 'Weigelt, J.'      13 ? 
primary 'Bochkarev, A.'    14 ? 
primary 'Hui, R.'          15 ? 
primary 'Qiu, W.'          16 ? 
# 
_cell.length_a           64.696 
_cell.length_b           64.696 
_cell.length_c           38.139 
_cell.angle_alpha        90.000 
_cell.angle_beta         90.000 
_cell.angle_gamma        120.000 
_cell.entry_id           3CE7 
_cell.pdbx_unique_axis   ? 
_cell.Z_PDB              6 
_cell.length_a_esd       ? 
_cell.length_b_esd       ? 
_cell.length_c_esd       ? 
_cell.angle_alpha_esd    ? 
_cell.angle_beta_esd     ? 
_cell.angle_gamma_esd    ? 
# 
_symmetry.space_group_name_H-M             'P 65' 
_symmetry.entry_id                         3CE7 
_symmetry.Int_Tables_number                170 
_symmetry.pdbx_full_space_group_name_H-M   ? 
_symmetry.cell_setting                     ? 
_symmetry.space_group_name_Hall            ? 
# 
loop_
_entity.id 
_entity.type 
_entity.src_method 
_entity.pdbx_description 
_entity.formula_weight 
_entity.pdbx_number_of_molecules 
_entity.pdbx_ec 
_entity.pdbx_mutation 
_entity.pdbx_fragment 
_entity.details 
1 polymer man 'Specific mitochondrial acyl carrier protein' 12159.547 1  ? ? ? ? 
2 water   nat water                                         18.015    82 ? ? ? ? 
# 
_entity_poly.entity_id                      1 
_entity_poly.type                           'polypeptide(L)' 
_entity_poly.nstd_linkage                   no 
_entity_poly.nstd_monomer                   no 
_entity_poly.pdbx_seq_one_letter_code       
;GANETTKQESPVVDTDINAVTNYIVGMCQKFLQKGEKVTPSSKLEELRTREDRLWDCLDTVEFVLDVEEIFDVTVPDEVA
DNFQTLQEIADFVVSERAKAGKFMKDQ
;
_entity_poly.pdbx_seq_one_letter_code_can   
;GANETTKQESPVVDTDINAVTNYIVGMCQKFLQKGEKVTPSSKLEELRTREDRLWDCLDTVEFVLDVEEIFDVTVPDEVA
DNFQTLQEIADFVVSERAKAGKFMKDQ
;
_entity_poly.pdbx_strand_id                 A 
_entity_poly.pdbx_target_identifier         ? 
# 
loop_
_entity_poly_seq.entity_id 
_entity_poly_seq.num 
_entity_poly_seq.mon_id 
_entity_poly_seq.hetero 
1 1   GLY n 
1 2   ALA n 
1 3   ASN n 
1 4   GLU n 
1 5   THR n 
1 6   THR n 
1 7   LYS n 
1 8   GLN n 
1 9   GLU n 
1 10  SER n 
1 11  PRO n 
1 12  VAL n 
1 13  VAL n 
1 14  ASP n 
1 15  THR n 
1 16  ASP n 
1 17  ILE n 
1 18  ASN n 
1 19  ALA n 
1 20  VAL n 
1 21  THR n 
1 22  ASN n 
1 23  TYR n 
1 24  ILE n 
1 25  VAL n 
1 26  GLY n 
1 27  MET n 
1 28  CYS n 
1 29  GLN n 
1 30  LYS n 
1 31  PHE n 
1 32  LEU n 
1 33  GLN n 
1 34  LYS n 
1 35  GLY n 
1 36  GLU n 
1 37  LYS n 
1 38  VAL n 
1 39  THR n 
1 40  PRO n 
1 41  SER n 
1 42  SER n 
1 43  LYS n 
1 44  LEU n 
1 45  GLU n 
1 46  GLU n 
1 47  LEU n 
1 48  ARG n 
1 49  THR n 
1 50  ARG n 
1 51  GLU n 
1 52  ASP n 
1 53  ARG n 
1 54  LEU n 
1 55  TRP n 
1 56  ASP n 
1 57  CYS n 
1 58  LEU n 
1 59  ASP n 
1 60  THR n 
1 61  VAL n 
1 62  GLU n 
1 63  PHE n 
1 64  VAL n 
1 65  LEU n 
1 66  ASP n 
1 67  VAL n 
1 68  GLU n 
1 69  GLU n 
1 70  ILE n 
1 71  PHE n 
1 72  ASP n 
1 73  VAL n 
1 74  THR n 
1 75  VAL n 
1 76  PRO n 
1 77  ASP n 
1 78  GLU n 
1 79  VAL n 
1 80  ALA n 
1 81  ASP n 
1 82  ASN n 
1 83  PHE n 
1 84  GLN n 
1 85  THR n 
1 86  LEU n 
1 87  GLN n 
1 88  GLU n 
1 89  ILE n 
1 90  ALA n 
1 91  ASP n 
1 92  PHE n 
1 93  VAL n 
1 94  VAL n 
1 95  SER n 
1 96  GLU n 
1 97  ARG n 
1 98  ALA n 
1 99  LYS n 
1 100 ALA n 
1 101 GLY n 
1 102 LYS n 
1 103 PHE n 
1 104 MET n 
1 105 LYS n 
1 106 ASP n 
1 107 GLN n 
# 
_entity_src_gen.entity_id                          1 
_entity_src_gen.pdbx_src_id                        1 
_entity_src_gen.pdbx_alt_source_flag               sample 
_entity_src_gen.pdbx_seq_type                      ? 
_entity_src_gen.pdbx_beg_seq_num                   ? 
_entity_src_gen.pdbx_end_seq_num                   ? 
_entity_src_gen.gene_src_common_name               ? 
_entity_src_gen.gene_src_genus                     Toxoplasma 
_entity_src_gen.pdbx_gene_src_gene                 'synthetic codon DNA' 
_entity_src_gen.gene_src_species                   ? 
_entity_src_gen.gene_src_strain                    ? 
_entity_src_gen.gene_src_tissue                    ? 
_entity_src_gen.gene_src_tissue_fraction           ? 
_entity_src_gen.gene_src_details                   ? 
_entity_src_gen.pdbx_gene_src_fragment             ? 
_entity_src_gen.pdbx_gene_src_scientific_name      Toxoplasma 
_entity_src_gen.pdbx_gene_src_ncbi_taxonomy_id     5810 
_entity_src_gen.pdbx_gene_src_variant              ? 
_entity_src_gen.pdbx_gene_src_cell_line            ? 
_entity_src_gen.pdbx_gene_src_atcc                 ? 
_entity_src_gen.pdbx_gene_src_organ                ? 
_entity_src_gen.pdbx_gene_src_organelle            ? 
_entity_src_gen.pdbx_gene_src_cell                 ? 
_entity_src_gen.pdbx_gene_src_cellular_location    ? 
_entity_src_gen.host_org_common_name               ? 
_entity_src_gen.pdbx_host_org_scientific_name      'Escherichia coli' 
_entity_src_gen.pdbx_host_org_ncbi_taxonomy_id     562 
_entity_src_gen.host_org_genus                     Escherichia 
_entity_src_gen.pdbx_host_org_gene                 ? 
_entity_src_gen.pdbx_host_org_organ                ? 
_entity_src_gen.host_org_species                   ? 
_entity_src_gen.pdbx_host_org_tissue               ? 
_entity_src_gen.pdbx_host_org_tissue_fraction      ? 
_entity_src_gen.pdbx_host_org_strain               dh5a 
_entity_src_gen.pdbx_host_org_variant              ? 
_entity_src_gen.pdbx_host_org_cell_line            ? 
_entity_src_gen.pdbx_host_org_atcc                 ? 
_entity_src_gen.pdbx_host_org_culture_collection   ? 
_entity_src_gen.pdbx_host_org_cell                 ? 
_entity_src_gen.pdbx_host_org_organelle            ? 
_entity_src_gen.pdbx_host_org_cellular_location    ? 
_entity_src_gen.pdbx_host_org_vector_type          Plasmid 
_entity_src_gen.pdbx_host_org_vector               ? 
_entity_src_gen.host_org_details                   ? 
_entity_src_gen.expression_system_id               ? 
_entity_src_gen.plasmid_name                       p15-mhl 
_entity_src_gen.plasmid_details                    ? 
_entity_src_gen.pdbx_description                   ? 
# 
_struct_ref.id                         1 
_struct_ref.db_name                    PDB 
_struct_ref.db_code                    3CE7 
_struct_ref.pdbx_db_accession          3CE7 
_struct_ref.entity_id                  1 
_struct_ref.pdbx_seq_one_letter_code   
;ANETTKQESPVVDTDINAVTNYIVGMCQKFLQKGEKVTPSSKLEELRTREDRLWDCLDTVEFVLDVEEIFDVTVPDEVAD
NFQTLQEIADFVVSERAKAGKFMKDQ
;
_struct_ref.pdbx_align_begin           1 
_struct_ref.pdbx_db_isoform            ? 
# 
_struct_ref_seq.align_id                      1 
_struct_ref_seq.ref_id                        1 
_struct_ref_seq.pdbx_PDB_id_code              3CE7 
_struct_ref_seq.pdbx_strand_id                A 
_struct_ref_seq.seq_align_beg                 2 
_struct_ref_seq.pdbx_seq_align_beg_ins_code   ? 
_struct_ref_seq.seq_align_end                 107 
_struct_ref_seq.pdbx_seq_align_end_ins_code   ? 
_struct_ref_seq.pdbx_db_accession             3CE7 
_struct_ref_seq.db_align_beg                  2 
_struct_ref_seq.pdbx_db_align_beg_ins_code    ? 
_struct_ref_seq.db_align_end                  107 
_struct_ref_seq.pdbx_db_align_end_ins_code    ? 
_struct_ref_seq.pdbx_auth_seq_align_beg       2 
_struct_ref_seq.pdbx_auth_seq_align_end       107 
# 
_struct_ref_seq_dif.align_id                     1 
_struct_ref_seq_dif.pdbx_pdb_id_code             3CE7 
_struct_ref_seq_dif.mon_id                       GLY 
_struct_ref_seq_dif.pdbx_pdb_strand_id           A 
_struct_ref_seq_dif.seq_num                      1 
_struct_ref_seq_dif.pdbx_pdb_ins_code            ? 
_struct_ref_seq_dif.pdbx_seq_db_name             PDB 
_struct_ref_seq_dif.pdbx_seq_db_accession_code   3CE7 
_struct_ref_seq_dif.db_mon_id                    ? 
_struct_ref_seq_dif.pdbx_seq_db_seq_num          ? 
_struct_ref_seq_dif.details                      'expression tag' 
_struct_ref_seq_dif.pdbx_auth_seq_num            1 
_struct_ref_seq_dif.pdbx_ordinal                 1 
# 
loop_
_chem_comp.id 
_chem_comp.type 
_chem_comp.mon_nstd_flag 
_chem_comp.name 
_chem_comp.pdbx_synonyms 
_chem_comp.formula 
_chem_comp.formula_weight 
ALA 'L-peptide linking' y ALANINE         ? 'C3 H7 N O2'     89.093  
ARG 'L-peptide linking' y ARGININE        ? 'C6 H15 N4 O2 1' 175.209 
ASN 'L-peptide linking' y ASPARAGINE      ? 'C4 H8 N2 O3'    132.118 
ASP 'L-peptide linking' y 'ASPARTIC ACID' ? 'C4 H7 N O4'     133.103 
CYS 'L-peptide linking' y CYSTEINE        ? 'C3 H7 N O2 S'   121.158 
GLN 'L-peptide linking' y GLUTAMINE       ? 'C5 H10 N2 O3'   146.144 
GLU 'L-peptide linking' y 'GLUTAMIC ACID' ? 'C5 H9 N O4'     147.129 
GLY 'peptide linking'   y GLYCINE         ? 'C2 H5 N O2'     75.067  
HOH non-polymer         . WATER           ? 'H2 O'           18.015  
ILE 'L-peptide linking' y ISOLEUCINE      ? 'C6 H13 N O2'    131.173 
LEU 'L-peptide linking' y LEUCINE         ? 'C6 H13 N O2'    131.173 
LYS 'L-peptide linking' y LYSINE          ? 'C6 H15 N2 O2 1' 147.195 
MET 'L-peptide linking' y METHIONINE      ? 'C5 H11 N O2 S'  149.211 
PHE 'L-peptide linking' y PHENYLALANINE   ? 'C9 H11 N O2'    165.189 
PRO 'L-peptide linking' y PROLINE         ? 'C5 H9 N O2'     115.130 
SER 'L-peptide linking' y SERINE          ? 'C3 H7 N O3'     105.093 
THR 'L-peptide linking' y THREONINE       ? 'C4 H9 N O3'     119.119 
TRP 'L-peptide linking' y TRYPTOPHAN      ? 'C11 H12 N2 O2'  204.225 
TYR 'L-peptide linking' y TYROSINE        ? 'C9 H11 N O3'    181.189 
VAL 'L-peptide linking' y VALINE          ? 'C5 H11 N O2'    117.146 
# 
_exptl.crystals_number   1 
_exptl.entry_id          3CE7 
_exptl.method            'X-RAY DIFFRACTION' 
# 
_exptl_crystal.id                    1 
_exptl_crystal.density_Matthews      1.89 
_exptl_crystal.density_meas          ? 
_exptl_crystal.density_percent_sol   35.09 
_exptl_crystal.description           ? 
_exptl_crystal.F_000                 ? 
_exptl_crystal.preparation           ? 
# 
_exptl_crystal_grow.crystal_id      1 
_exptl_crystal_grow.method          'VAPOR DIFFUSION, SITTING DROP' 
_exptl_crystal_grow.pH              4.5 
_exptl_crystal_grow.temp            293 
_exptl_crystal_grow.temp_details    ? 
_exptl_crystal_grow.pdbx_details    
'1.5 M NH4SO4, 0.2 M K,Na Tartrate, 0.1 M Na Acetate pH 4.5, VAPOR DIFFUSION, SITTING DROP, temperature 293K' 
_exptl_crystal_grow.pdbx_pH_range   . 
# 
_diffrn.id                     1 
_diffrn.ambient_temp           100 
_diffrn.ambient_temp_details   ? 
_diffrn.crystal_id             1 
# 
_diffrn_detector.diffrn_id              1 
_diffrn_detector.detector               'IMAGE PLATE' 
_diffrn_detector.type                   'RIGAKU RAXIS IV' 
_diffrn_detector.pdbx_collection_date   2008-01-10 
_diffrn_detector.details                ? 
# 
_diffrn_radiation.diffrn_id                        1 
_diffrn_radiation.wavelength_id                    1 
_diffrn_radiation.pdbx_diffrn_protocol             'SINGLE WAVELENGTH' 
_diffrn_radiation.monochromator                    ? 
_diffrn_radiation.pdbx_monochromatic_or_laue_m_l   M 
_diffrn_radiation.pdbx_scattering_type             x-ray 
# 
_diffrn_radiation_wavelength.id           1 
_diffrn_radiation_wavelength.wavelength   1.5418 
_diffrn_radiation_wavelength.wt           1.0 
# 
_diffrn_source.diffrn_id                   1 
_diffrn_source.source                      'ROTATING ANODE' 
_diffrn_source.type                        'RIGAKU FR-E+ SUPERBRIGHT' 
_diffrn_source.pdbx_wavelength             ? 
_diffrn_source.pdbx_wavelength_list        1.5418 
_diffrn_source.pdbx_synchrotron_site       ? 
_diffrn_source.pdbx_synchrotron_beamline   ? 
# 
_reflns.entry_id                     3CE7 
_reflns.d_resolution_high            1.640 
_reflns.d_resolution_low             50.000 
_reflns.number_obs                   11276 
_reflns.pdbx_Rmerge_I_obs            0.052 
_reflns.pdbx_netI_over_sigmaI        21.500 
_reflns.pdbx_chi_squared             1.973 
_reflns.pdbx_redundancy              9.700 
_reflns.percent_possible_obs         99.300 
_reflns.observed_criterion_sigma_F   0 
_reflns.observed_criterion_sigma_I   0 
_reflns.number_all                   11276 
_reflns.pdbx_Rsym_value              0.056 
_reflns.B_iso_Wilson_estimate        23.5 
_reflns.R_free_details               ? 
_reflns.limit_h_max                  ? 
_reflns.limit_h_min                  ? 
_reflns.limit_k_max                  ? 
_reflns.limit_k_min                  ? 
_reflns.limit_l_max                  ? 
_reflns.limit_l_min                  ? 
_reflns.observed_criterion_F_max     ? 
_reflns.observed_criterion_F_min     ? 
_reflns.pdbx_scaling_rejects         ? 
_reflns.pdbx_diffrn_id               1 
_reflns.pdbx_ordinal                 1 
# 
_reflns_shell.d_res_high             1.64 
_reflns_shell.d_res_low              1.70 
_reflns_shell.number_measured_obs    ? 
_reflns_shell.number_measured_all    ? 
_reflns_shell.number_unique_obs      ? 
_reflns_shell.Rmerge_I_obs           0.198 
_reflns_shell.meanI_over_sigI_obs    6.18 
_reflns_shell.pdbx_Rsym_value        0.183 
_reflns_shell.pdbx_chi_squared       0.827 
_reflns_shell.pdbx_redundancy        4.10 
_reflns_shell.percent_possible_obs   ? 
_reflns_shell.number_unique_all      1054 
_reflns_shell.percent_possible_all   93.20 
_reflns_shell.pdbx_diffrn_id         ? 
_reflns_shell.pdbx_ordinal           1 
# 
_refine.entry_id                                 3CE7 
_refine.ls_d_res_high                            1.640 
_refine.ls_d_res_low                             32.34 
_refine.pdbx_ls_sigma_F                          0.00 
_refine.ls_percent_reflns_obs                    99.070 
_refine.ls_number_reflns_obs                     11265 
_refine.pdbx_ls_cross_valid_method               THROUGHOUT 
_refine.pdbx_R_Free_selection_details            RANDOM 
_refine.details                                  'HYDROGENS HAVE BEEN ADDED IN THE RIDING POSITIONS' 
_refine.ls_R_factor_obs                          0.187 
_refine.ls_R_factor_R_work                       0.185 
_refine.ls_R_factor_R_free                       0.227 
_refine.ls_percent_reflns_R_free                 4.800 
_refine.ls_number_reflns_R_free                  539 
_refine.B_iso_mean                               23.535 
_refine.aniso_B[1][1]                            -0.810 
_refine.aniso_B[2][2]                            -0.810 
_refine.aniso_B[3][3]                            1.220 
_refine.aniso_B[1][2]                            -0.410 
_refine.aniso_B[1][3]                            0.000 
_refine.aniso_B[2][3]                            0.000 
_refine.correlation_coeff_Fo_to_Fc               0.961 
_refine.correlation_coeff_Fo_to_Fc_free          0.941 
_refine.pdbx_overall_ESU_R                       0.103 
_refine.pdbx_overall_ESU_R_Free                  0.105 
_refine.overall_SU_ML                            0.055 
_refine.overall_SU_B                             1.502 
_refine.solvent_model_details                    MASK 
_refine.pdbx_solvent_vdw_probe_radii             1.400 
_refine.pdbx_solvent_ion_probe_radii             0.800 
_refine.pdbx_solvent_shrinkage_radii             0.800 
_refine.pdbx_method_to_determine_struct          'MOLECULAR REPLACEMENT' 
_refine.pdbx_stereochemistry_target_values       'MAXIMUM LIKELIHOOD' 
_refine.pdbx_ls_sigma_I                          0 
_refine.ls_number_reflns_all                     11265 
_refine.ls_R_factor_all                          0.187 
_refine.ls_redundancy_reflns_obs                 ? 
_refine.pdbx_data_cutoff_high_absF               ? 
_refine.pdbx_data_cutoff_low_absF                ? 
_refine.ls_number_parameters                     ? 
_refine.ls_number_restraints                     ? 
_refine.ls_R_factor_R_free_error                 ? 
_refine.ls_R_factor_R_free_error_details         ? 
_refine.pdbx_starting_model                      'PDB entry 1L0I' 
_refine.pdbx_stereochem_target_val_spec_case     ? 
_refine.solvent_model_param_bsol                 ? 
_refine.solvent_model_param_ksol                 ? 
_refine.occupancy_max                            ? 
_refine.occupancy_min                            ? 
_refine.pdbx_isotropic_thermal_model             ? 
_refine.B_iso_min                                ? 
_refine.B_iso_max                                ? 
_refine.overall_SU_R_Cruickshank_DPI             ? 
_refine.overall_SU_R_free                        ? 
_refine.pdbx_data_cutoff_high_rms_absF           ? 
_refine.ls_wR_factor_R_free                      ? 
_refine.ls_wR_factor_R_work                      ? 
_refine.overall_FOM_free_R_set                   ? 
_refine.overall_FOM_work_R_set                   ? 
_refine.pdbx_overall_phase_error                 ? 
_refine.pdbx_refine_id                           'X-RAY DIFFRACTION' 
_refine.pdbx_diffrn_id                           1 
_refine.pdbx_TLS_residual_ADP_flag               ? 
_refine.pdbx_overall_SU_R_free_Cruickshank_DPI   ? 
_refine.pdbx_overall_SU_R_Blow_DPI               ? 
_refine.pdbx_overall_SU_R_free_Blow_DPI          ? 
# 
_refine_hist.pdbx_refine_id                   'X-RAY DIFFRACTION' 
_refine_hist.cycle_id                         LAST 
_refine_hist.pdbx_number_atoms_protein        741 
_refine_hist.pdbx_number_atoms_nucleic_acid   0 
_refine_hist.pdbx_number_atoms_ligand         0 
_refine_hist.number_atoms_solvent             82 
_refine_hist.number_atoms_total               823 
_refine_hist.d_res_high                       1.640 
_refine_hist.d_res_low                        32.34 
# 
loop_
_refine_ls_restr.type 
_refine_ls_restr.number 
_refine_ls_restr.dev_ideal 
_refine_ls_restr.dev_ideal_target 
_refine_ls_restr.weight 
_refine_ls_restr.pdbx_refine_id 
_refine_ls_restr.pdbx_restraint_function 
r_bond_refined_d         756  0.008  0.022  ? 'X-RAY DIFFRACTION' ? 
r_angle_refined_deg      1037 1.072  1.958  ? 'X-RAY DIFFRACTION' ? 
r_dihedral_angle_1_deg   101  4.387  5.000  ? 'X-RAY DIFFRACTION' ? 
r_dihedral_angle_2_deg   42   35.587 26.429 ? 'X-RAY DIFFRACTION' ? 
r_dihedral_angle_3_deg   134  12.161 15.000 ? 'X-RAY DIFFRACTION' ? 
r_dihedral_angle_4_deg   4    13.733 15.000 ? 'X-RAY DIFFRACTION' ? 
r_chiral_restr           124  0.074  0.200  ? 'X-RAY DIFFRACTION' ? 
r_gen_planes_refined     585  0.004  0.020  ? 'X-RAY DIFFRACTION' ? 
r_nbd_refined            325  0.208  0.200  ? 'X-RAY DIFFRACTION' ? 
r_nbtor_refined          538  0.308  0.200  ? 'X-RAY DIFFRACTION' ? 
r_xyhbond_nbd_refined    59   0.099  0.200  ? 'X-RAY DIFFRACTION' ? 
r_symmetry_vdw_refined   33   0.186  0.200  ? 'X-RAY DIFFRACTION' ? 
r_symmetry_hbond_refined 18   0.131  0.200  ? 'X-RAY DIFFRACTION' ? 
r_mcbond_it              479  0.671  1.500  ? 'X-RAY DIFFRACTION' ? 
r_mcangle_it             768  1.195  2.000  ? 'X-RAY DIFFRACTION' ? 
r_scbond_it              305  1.920  3.000  ? 'X-RAY DIFFRACTION' ? 
r_scangle_it             263  3.060  4.500  ? 'X-RAY DIFFRACTION' ? 
# 
_refine_ls_shell.d_res_high                       1.64 
_refine_ls_shell.d_res_low                        1.68 
_refine_ls_shell.pdbx_total_number_of_bins_used   20 
_refine_ls_shell.percent_reflns_obs               87.930 
_refine_ls_shell.number_reflns_R_work             686 
_refine_ls_shell.R_factor_all                     ? 
_refine_ls_shell.R_factor_R_work                  0.258 
_refine_ls_shell.R_factor_R_free                  0.296 
_refine_ls_shell.percent_reflns_R_free            ? 
_refine_ls_shell.number_reflns_R_free             35 
_refine_ls_shell.R_factor_R_free_error            ? 
_refine_ls_shell.number_reflns_all                721 
_refine_ls_shell.number_reflns_obs                1054 
_refine_ls_shell.redundancy_reflns_obs            ? 
_refine_ls_shell.pdbx_refine_id                   'X-RAY DIFFRACTION' 
# 
_struct.entry_id                  3CE7 
_struct.title                     'Crystal structure of toxoplasma specific mitochondrial acyl carrier protein, 59.m03510' 
_struct.pdbx_model_details        ? 
_struct.pdbx_CASP_flag            ? 
_struct.pdbx_model_type_details   ? 
# 
_struct_keywords.entry_id        3CE7 
_struct_keywords.pdbx_keywords   'BIOSYNTHETIC PROTEIN' 
_struct_keywords.text            
;malaria, toxo, Toxoplasma, mitochondrial, ACP, Fatty acid biosynthesis, Lipid synthesis, Phosphopantetheine, Structural Genomics, Structural Genomics Consortium, SGC, BIOSYNTHETIC PROTEIN
;
# 
loop_
_struct_asym.id 
_struct_asym.pdbx_blank_PDB_chainid_flag 
_struct_asym.pdbx_modified 
_struct_asym.entity_id 
_struct_asym.details 
A N N 1 ? 
B N N 2 ? 
# 
_struct_biol.id        1 
_struct_biol.details   ? 
# 
loop_
_struct_conf.conf_type_id 
_struct_conf.id 
_struct_conf.pdbx_PDB_helix_id 
_struct_conf.beg_label_comp_id 
_struct_conf.beg_label_asym_id 
_struct_conf.beg_label_seq_id 
_struct_conf.pdbx_beg_PDB_ins_code 
_struct_conf.end_label_comp_id 
_struct_conf.end_label_asym_id 
_struct_conf.end_label_seq_id 
_struct_conf.pdbx_end_PDB_ins_code 
_struct_conf.beg_auth_comp_id 
_struct_conf.beg_auth_asym_id 
_struct_conf.beg_auth_seq_id 
_struct_conf.end_auth_comp_id 
_struct_conf.end_auth_asym_id 
_struct_conf.end_auth_seq_id 
_struct_conf.pdbx_PDB_helix_class 
_struct_conf.details 
_struct_conf.pdbx_PDB_helix_length 
HELX_P HELX_P1 1 ASP A 16 ? LYS A 30 ? ASP A 16 LYS A 30 1 ? 15 
HELX_P HELX_P2 2 LYS A 43 ? LEU A 47 ? LYS A 43 LEU A 47 5 ? 5  
HELX_P HELX_P3 3 ASP A 56 ? ASP A 72 ? ASP A 56 ASP A 72 1 ? 17 
HELX_P HELX_P4 4 PRO A 76 ? ASP A 81 ? PRO A 76 ASP A 81 1 ? 6  
HELX_P HELX_P5 5 THR A 85 ? LYS A 99 ? THR A 85 LYS A 99 1 ? 15 
# 
_struct_conf_type.id          HELX_P 
_struct_conf_type.criteria    ? 
_struct_conf_type.reference   ? 
# 
_atom_sites.entry_id                    3CE7 
_atom_sites.fract_transf_matrix[1][1]   -0.00263681 
_atom_sites.fract_transf_matrix[1][2]   -0.00844071 
_atom_sites.fract_transf_matrix[1][3]   -0.01550349 
_atom_sites.fract_transf_matrix[2][1]   -0.01656766 
_atom_sites.fract_transf_matrix[2][2]   -0.00217479 
_atom_sites.fract_transf_matrix[2][3]   -0.00627169 
_atom_sites.fract_transf_matrix[3][1]   0.00182678 
_atom_sites.fract_transf_matrix[3][2]   0.02284056 
_atom_sites.fract_transf_matrix[3][3]   -0.01274599 
_atom_sites.fract_transf_vector[1]      0.587504 
_atom_sites.fract_transf_vector[2]      0.702236 
_atom_sites.fract_transf_vector[3]      0.395591 
# 
loop_
_atom_type.symbol 
C 
N 
O 
S 
# 
loop_
_atom_site.group_PDB 
_atom_site.id 
_atom_site.type_symbol 
_atom_site.label_atom_id 
_atom_site.label_alt_id 
_atom_site.label_comp_id 
_atom_site.label_asym_id 
_atom_site.label_entity_id 
_atom_site.label_seq_id 
_atom_site.pdbx_PDB_ins_code 
_atom_site.Cartn_x 
_atom_site.Cartn_y 
_atom_site.Cartn_z 
_atom_site.occupancy 
_atom_site.B_iso_or_equiv 
_atom_site.pdbx_formal_charge 
_atom_site.auth_seq_id 
_atom_site.auth_comp_id 
_atom_site.auth_asym_id 
_atom_site.auth_atom_id 
_atom_site.pdbx_PDB_model_num 
ATOM   1   N N   . VAL A 1 12  ? -2.532  -4.044  14.431  1.00 23.41 ? 12  VAL A N   1 
ATOM   2   C CA  . VAL A 1 12  ? -3.148  -2.761  14.831  1.00 22.06 ? 12  VAL A CA  1 
ATOM   3   C C   . VAL A 1 12  ? -4.668  -2.919  14.882  1.00 21.12 ? 12  VAL A C   1 
ATOM   4   O O   . VAL A 1 12  ? -5.223  -3.982  14.559  1.00 21.62 ? 12  VAL A O   1 
ATOM   5   C CB  . VAL A 1 12  ? -2.793  -1.589  13.847  1.00 22.57 ? 12  VAL A CB  1 
ATOM   6   C CG1 . VAL A 1 12  ? -1.284  -1.345  13.804  1.00 24.13 ? 12  VAL A CG1 1 
ATOM   7   C CG2 . VAL A 1 12  ? -3.351  -1.862  12.451  1.00 22.80 ? 12  VAL A CG2 1 
ATOM   8   N N   . VAL A 1 13  ? -5.322  -1.850  15.305  1.00 20.30 ? 13  VAL A N   1 
ATOM   9   C CA  . VAL A 1 13  ? -6.762  -1.744  15.179  1.00 19.39 ? 13  VAL A CA  1 
ATOM   10  C C   . VAL A 1 13  ? -7.028  -1.540  13.678  1.00 18.65 ? 13  VAL A C   1 
ATOM   11  O O   . VAL A 1 13  ? -6.727  -0.471  13.135  1.00 18.34 ? 13  VAL A O   1 
ATOM   12  C CB  . VAL A 1 13  ? -7.301  -0.584  16.033  1.00 19.43 ? 13  VAL A CB  1 
ATOM   13  C CG1 . VAL A 1 13  ? -8.787  -0.447  15.853  1.00 19.96 ? 13  VAL A CG1 1 
ATOM   14  C CG2 . VAL A 1 13  ? -6.962  -0.807  17.529  1.00 20.28 ? 13  VAL A CG2 1 
ATOM   15  N N   . ASP A 1 14  ? -7.583  -2.556  13.018  1.00 18.48 ? 14  ASP A N   1 
ATOM   16  C CA  . ASP A 1 14  ? -7.644  -2.570  11.544  1.00 18.33 ? 14  ASP A CA  1 
ATOM   17  C C   . ASP A 1 14  ? -8.732  -1.676  10.940  1.00 18.08 ? 14  ASP A C   1 
ATOM   18  O O   . ASP A 1 14  ? -8.839  -1.559  9.715   1.00 17.86 ? 14  ASP A O   1 
ATOM   19  C CB  . ASP A 1 14  ? -7.642  -3.998  10.960  1.00 19.59 ? 14  ASP A CB  1 
ATOM   20  C CG  . ASP A 1 14  ? -8.831  -4.825  11.387  1.00 21.70 ? 14  ASP A CG  1 
ATOM   21  O OD1 . ASP A 1 14  ? -9.849  -4.247  11.821  1.00 22.89 ? 14  ASP A OD1 1 
ATOM   22  O OD2 . ASP A 1 14  ? -8.752  -6.077  11.257  1.00 25.40 ? 14  ASP A OD2 1 
ATOM   23  N N   . THR A 1 15  ? -9.512  -1.033  11.804  1.00 17.37 ? 15  THR A N   1 
ATOM   24  C CA  . THR A 1 15  ? -10.493 -0.042  11.369  1.00 17.43 ? 15  THR A CA  1 
ATOM   25  C C   . THR A 1 15  ? -10.098 1.384   11.775  1.00 17.54 ? 15  THR A C   1 
ATOM   26  O O   . THR A 1 15  ? -10.876 2.324   11.587  1.00 17.78 ? 15  THR A O   1 
ATOM   27  C CB  . THR A 1 15  ? -11.922 -0.371  11.873  1.00 17.80 ? 15  THR A CB  1 
ATOM   28  O OG1 . THR A 1 15  ? -11.913 -0.514  13.302  1.00 17.43 ? 15  THR A OG1 1 
ATOM   29  C CG2 . THR A 1 15  ? -12.426 -1.663  11.235  1.00 19.11 ? 15  THR A CG2 1 
ATOM   30  N N   . ASP A 1 16  ? -8.888  1.527   12.324  1.00 17.73 ? 16  ASP A N   1 
ATOM   31  C CA  . ASP A 1 16  ? -8.333  2.824   12.732  1.00 18.58 ? 16  ASP A CA  1 
ATOM   32  C C   . ASP A 1 16  ? -7.440  3.330   11.589  1.00 18.13 ? 16  ASP A C   1 
ATOM   33  O O   . ASP A 1 16  ? -6.352  2.809   11.382  1.00 18.35 ? 16  ASP A O   1 
ATOM   34  C CB  . ASP A 1 16  ? -7.536  2.621   14.034  1.00 18.76 ? 16  ASP A CB  1 
ATOM   35  C CG  . ASP A 1 16  ? -6.847  3.884   14.553  1.00 23.54 ? 16  ASP A CG  1 
ATOM   36  O OD1 . ASP A 1 16  ? -6.509  4.795   13.777  1.00 25.22 ? 16  ASP A OD1 1 
ATOM   37  O OD2 . ASP A 1 16  ? -6.616  3.944   15.787  1.00 29.76 ? 16  ASP A OD2 1 
ATOM   38  N N   . ILE A 1 17  ? -7.899  4.344   10.857  1.00 17.94 ? 17  ILE A N   1 
ATOM   39  C CA  . ILE A 1 17  ? -7.161  4.814   9.675   1.00 17.86 ? 17  ILE A CA  1 
ATOM   40  C C   . ILE A 1 17  ? -5.752  5.345   9.993   1.00 17.50 ? 17  ILE A C   1 
ATOM   41  O O   . ILE A 1 17  ? -4.819  5.147   9.206   1.00 17.07 ? 17  ILE A O   1 
ATOM   42  C CB  . ILE A 1 17  ? -7.986  5.830   8.811   1.00 17.80 ? 17  ILE A CB  1 
ATOM   43  C CG1 . ILE A 1 17  ? -7.288  6.111   7.463   1.00 18.72 ? 17  ILE A CG1 1 
ATOM   44  C CG2 . ILE A 1 17  ? -8.285  7.106   9.591   1.00 19.26 ? 17  ILE A CG2 1 
ATOM   45  C CD1 . ILE A 1 17  ? -7.102  4.864   6.593   1.00 19.41 ? 17  ILE A CD1 1 
ATOM   46  N N   . ASN A 1 18  ? -5.590  6.009   11.134  1.00 17.37 ? 18  ASN A N   1 
ATOM   47  C CA  . ASN A 1 18  ? -4.253  6.469   11.524  1.00 17.60 ? 18  ASN A CA  1 
ATOM   48  C C   . ASN A 1 18  ? -3.289  5.297   11.689  1.00 17.11 ? 18  ASN A C   1 
ATOM   49  O O   . ASN A 1 18  ? -2.187  5.303   11.122  1.00 17.45 ? 18  ASN A O   1 
ATOM   50  C CB  . ASN A 1 18  ? -4.305  7.324   12.793  1.00 18.62 ? 18  ASN A CB  1 
ATOM   51  C CG  . ASN A 1 18  ? -4.823  8.731   12.532  1.00 20.70 ? 18  ASN A CG  1 
ATOM   52  O OD1 . ASN A 1 18  ? -5.229  9.067   11.420  1.00 24.75 ? 18  ASN A OD1 1 
ATOM   53  N ND2 . ASN A 1 18  ? -4.820  9.561   13.578  1.00 24.80 ? 18  ASN A ND2 1 
ATOM   54  N N   . ALA A 1 19  ? -3.717  4.278   12.431  1.00 17.14 ? 19  ALA A N   1 
ATOM   55  C CA  . ALA A 1 19  ? -2.853  3.130   12.718  1.00 16.72 ? 19  ALA A CA  1 
ATOM   56  C C   . ALA A 1 19  ? -2.550  2.340   11.450  1.00 16.42 ? 19  ALA A C   1 
ATOM   57  O O   . ALA A 1 19  ? -1.396  1.966   11.203  1.00 17.26 ? 19  ALA A O   1 
ATOM   58  C CB  . ALA A 1 19  ? -3.494  2.241   13.779  1.00 17.59 ? 19  ALA A CB  1 
ATOM   59  N N   . VAL A 1 20  ? -3.584  2.109   10.643  1.00 15.35 ? 20  VAL A N   1 
ATOM   60  C CA  . VAL A 1 20  ? -3.429  1.354   9.401   1.00 15.22 ? 20  VAL A CA  1 
ATOM   61  C C   . VAL A 1 20  ? -2.535  2.127   8.420   1.00 14.93 ? 20  VAL A C   1 
ATOM   62  O O   . VAL A 1 20  ? -1.687  1.529   7.748   1.00 15.65 ? 20  VAL A O   1 
ATOM   63  C CB  . VAL A 1 20  ? -4.805  1.003   8.784   1.00 15.02 ? 20  VAL A CB  1 
ATOM   64  C CG1 . VAL A 1 20  ? -4.651  0.423   7.390   1.00 16.03 ? 20  VAL A CG1 1 
ATOM   65  C CG2 . VAL A 1 20  ? -5.547  0.019   9.674   1.00 15.96 ? 20  VAL A CG2 1 
ATOM   66  N N   . THR A 1 21  ? -2.725  3.441   8.328   1.00 15.34 ? 21  THR A N   1 
ATOM   67  C CA  . THR A 1 21  ? -1.907  4.239   7.412   1.00 15.32 ? 21  THR A CA  1 
ATOM   68  C C   . THR A 1 21  ? -0.432  4.219   7.831   1.00 15.22 ? 21  THR A C   1 
ATOM   69  O O   . THR A 1 21  ? 0.453   3.951   7.013   1.00 15.28 ? 21  THR A O   1 
ATOM   70  C CB  . THR A 1 21  ? -2.412  5.692   7.277   1.00 15.27 ? 21  THR A CB  1 
ATOM   71  O OG1 . THR A 1 21  ? -3.779  5.695   6.827   1.00 16.31 ? 21  THR A OG1 1 
ATOM   72  C CG2 . THR A 1 21  ? -1.565  6.428   6.243   1.00 16.52 ? 21  THR A CG2 1 
ATOM   73  N N   . ASN A 1 22  ? -0.169  4.451   9.113   1.00 15.44 ? 22  ASN A N   1 
ATOM   74  C CA  . ASN A 1 22  ? 1.200   4.365   9.631   1.00 16.10 ? 22  ASN A CA  1 
ATOM   75  C C   . ASN A 1 22  ? 1.836   3.003   9.334   1.00 16.28 ? 22  ASN A C   1 
ATOM   76  O O   . ASN A 1 22  ? 2.985   2.931   8.893   1.00 16.67 ? 22  ASN A O   1 
ATOM   77  C CB  . ASN A 1 22  ? 1.240   4.687   11.135  1.00 16.31 ? 22  ASN A CB  1 
ATOM   78  C CG  . ASN A 1 22  ? 1.129   6.179   11.413  1.00 17.26 ? 22  ASN A CG  1 
ATOM   79  O OD1 . ASN A 1 22  ? 1.448   6.997   10.554  1.00 19.36 ? 22  ASN A OD1 1 
ATOM   80  N ND2 . ASN A 1 22  ? 0.666   6.537   12.615  1.00 19.99 ? 22  ASN A ND2 1 
ATOM   81  N N   . TYR A 1 23  ? 1.077   1.924   9.537   1.00 16.99 ? 23  TYR A N   1 
ATOM   82  C CA  . TYR A 1 23  ? 1.582   0.582   9.295   1.00 17.70 ? 23  TYR A CA  1 
ATOM   83  C C   . TYR A 1 23  ? 1.934   0.370   7.825   1.00 17.20 ? 23  TYR A C   1 
ATOM   84  O O   . TYR A 1 23  ? 3.005   -0.166  7.480   1.00 17.06 ? 23  TYR A O   1 
ATOM   85  C CB  . TYR A 1 23  ? 0.557   -0.466  9.745   1.00 18.47 ? 23  TYR A CB  1 
ATOM   86  C CG  . TYR A 1 23  ? 1.210   -1.789  10.047  1.00 20.97 ? 23  TYR A CG  1 
ATOM   87  C CD1 . TYR A 1 23  ? 1.738   -2.039  11.314  1.00 23.10 ? 23  TYR A CD1 1 
ATOM   88  C CD2 . TYR A 1 23  ? 1.340   -2.768  9.064   1.00 23.42 ? 23  TYR A CD2 1 
ATOM   89  C CE1 . TYR A 1 23  ? 2.364   -3.237  11.608  1.00 24.48 ? 23  TYR A CE1 1 
ATOM   90  C CE2 . TYR A 1 23  ? 1.970   -3.986  9.352   1.00 23.83 ? 23  TYR A CE2 1 
ATOM   91  C CZ  . TYR A 1 23  ? 2.479   -4.200  10.628  1.00 24.02 ? 23  TYR A CZ  1 
ATOM   92  O OH  . TYR A 1 23  ? 3.109   -5.390  10.953  1.00 26.15 ? 23  TYR A OH  1 
ATOM   93  N N   . ILE A 1 24  ? 1.034   0.811   6.954   1.00 16.38 ? 24  ILE A N   1 
ATOM   94  C CA  . ILE A 1 24  ? 1.197   0.626   5.518   1.00 17.01 ? 24  ILE A CA  1 
ATOM   95  C C   . ILE A 1 24  ? 2.375   1.446   4.978   1.00 16.27 ? 24  ILE A C   1 
ATOM   96  O O   . ILE A 1 24  ? 3.108   0.974   4.116   1.00 17.02 ? 24  ILE A O   1 
ATOM   97  C CB  . ILE A 1 24  ? -0.134  0.893   4.789   1.00 17.16 ? 24  ILE A CB  1 
ATOM   98  C CG1 . ILE A 1 24  ? -1.071  -0.297  5.044   1.00 18.15 ? 24  ILE A CG1 1 
ATOM   99  C CG2 . ILE A 1 24  ? 0.084   1.173   3.300   1.00 17.97 ? 24  ILE A CG2 1 
ATOM   100 C CD1 . ILE A 1 24  ? -2.454  -0.195  4.443   1.00 19.78 ? 24  ILE A CD1 1 
ATOM   101 N N   . VAL A 1 25  ? 2.577   2.649   5.514   1.00 16.20 ? 25  VAL A N   1 
ATOM   102 C CA  . VAL A 1 25  ? 3.778   3.431   5.185   1.00 16.27 ? 25  VAL A CA  1 
ATOM   103 C C   . VAL A 1 25  ? 5.041   2.627   5.530   1.00 16.39 ? 25  VAL A C   1 
ATOM   104 O O   . VAL A 1 25  ? 5.941   2.504   4.695   1.00 17.17 ? 25  VAL A O   1 
ATOM   105 C CB  . VAL A 1 25  ? 3.787   4.816   5.877   1.00 16.71 ? 25  VAL A CB  1 
ATOM   106 C CG1 . VAL A 1 25  ? 5.156   5.517   5.720   1.00 17.19 ? 25  VAL A CG1 1 
ATOM   107 C CG2 . VAL A 1 25  ? 2.690   5.690   5.289   1.00 16.78 ? 25  VAL A CG2 1 
ATOM   108 N N   . GLY A 1 26  ? 5.069   2.046   6.727   1.00 16.69 ? 26  GLY A N   1 
ATOM   109 C CA  . GLY A 1 26  ? 6.192   1.195   7.154   1.00 17.02 ? 26  GLY A CA  1 
ATOM   110 C C   . GLY A 1 26  ? 6.430   0.006   6.238   1.00 17.45 ? 26  GLY A C   1 
ATOM   111 O O   . GLY A 1 26  ? 7.582   -0.324  5.911   1.00 17.92 ? 26  GLY A O   1 
ATOM   112 N N   . MET A 1 27  ? 5.347   -0.638  5.813   1.00 17.84 ? 27  MET A N   1 
ATOM   113 C CA  . MET A 1 27  ? 5.443   -1.771  4.886   1.00 17.99 ? 27  MET A CA  1 
ATOM   114 C C   . MET A 1 27  ? 6.048   -1.333  3.556   1.00 18.20 ? 27  MET A C   1 
ATOM   115 O O   . MET A 1 27  ? 6.891   -2.033  2.982   1.00 17.97 ? 27  MET A O   1 
ATOM   116 C CB  . MET A 1 27  ? 4.063   -2.359  4.606   1.00 18.88 ? 27  MET A CB  1 
ATOM   117 C CG  . MET A 1 27  ? 3.438   -3.074  5.780   1.00 19.06 ? 27  MET A CG  1 
ATOM   118 S SD  . MET A 1 27  ? 1.752   -3.594  5.406   1.00 19.12 ? 27  MET A SD  1 
ATOM   119 C CE  . MET A 1 27  ? 1.979   -4.644  3.985   1.00 20.67 ? 27  MET A CE  1 
ATOM   120 N N   . CYS A 1 28  ? 5.581   -0.183  3.064   1.00 17.26 ? 28  CYS A N   1 
ATOM   121 C CA  . CYS A 1 28  ? 6.006   0.327   1.773   1.00 17.55 ? 28  CYS A CA  1 
ATOM   122 C C   . CYS A 1 28  ? 7.494   0.646   1.797   1.00 17.31 ? 28  CYS A C   1 
ATOM   123 O O   . CYS A 1 28  ? 8.194   0.404   0.818   1.00 16.89 ? 28  CYS A O   1 
ATOM   124 C CB  . CYS A 1 28  ? 5.224   1.581   1.415   1.00 16.94 ? 28  CYS A CB  1 
ATOM   125 S SG  . CYS A 1 28  ? 5.713   2.303   -0.194  1.00 18.36 ? 28  CYS A SG  1 
ATOM   126 N N   . GLN A 1 29  ? 7.966   1.184   2.917   1.00 17.69 ? 29  GLN A N   1 
ATOM   127 C CA  . GLN A 1 29  ? 9.374   1.567   3.043   1.00 18.41 ? 29  GLN A CA  1 
ATOM   128 C C   . GLN A 1 29  ? 10.330  0.399   2.805   1.00 19.13 ? 29  GLN A C   1 
ATOM   129 O O   . GLN A 1 29  ? 11.443  0.600   2.326   1.00 19.42 ? 29  GLN A O   1 
ATOM   130 C CB  . GLN A 1 29  ? 9.636   2.238   4.394   1.00 18.42 ? 29  GLN A CB  1 
ATOM   131 C CG  . GLN A 1 29  ? 9.076   3.670   4.445   1.00 18.24 ? 29  GLN A CG  1 
ATOM   132 C CD  . GLN A 1 29  ? 9.048   4.264   5.848   1.00 19.10 ? 29  GLN A CD  1 
ATOM   133 O OE1 . GLN A 1 29  ? 9.033   3.548   6.847   1.00 22.88 ? 29  GLN A OE1 1 
ATOM   134 N NE2 . GLN A 1 29  ? 9.023   5.593   5.920   1.00 19.72 ? 29  GLN A NE2 1 
ATOM   135 N N   . LYS A 1 30  ? 9.885   -0.820  3.114   1.00 19.98 ? 30  LYS A N   1 
ATOM   136 C CA  . LYS A 1 30  ? 10.725  -2.007  2.922   1.00 20.88 ? 30  LYS A CA  1 
ATOM   137 C C   . LYS A 1 30  ? 10.979  -2.292  1.438   1.00 21.13 ? 30  LYS A C   1 
ATOM   138 O O   . LYS A 1 30  ? 11.952  -2.966  1.081   1.00 22.21 ? 30  LYS A O   1 
ATOM   139 C CB  . LYS A 1 30  ? 10.106  -3.244  3.591   1.00 21.56 ? 30  LYS A CB  1 
ATOM   140 C CG  . LYS A 1 30  ? 9.618   -3.046  5.027   1.00 23.91 ? 30  LYS A CG  1 
ATOM   141 C CD  . LYS A 1 30  ? 10.741  -2.807  6.018   1.00 27.30 ? 30  LYS A CD  1 
ATOM   142 C CE  . LYS A 1 30  ? 10.239  -2.969  7.452   1.00 29.53 ? 30  LYS A CE  1 
ATOM   143 N NZ  . LYS A 1 30  ? 11.053  -2.167  8.407   1.00 31.43 ? 30  LYS A NZ  1 
ATOM   144 N N   . PHE A 1 31  ? 10.111  -1.767  0.575   1.00 20.46 ? 31  PHE A N   1 
ATOM   145 C CA  . PHE A 1 31  ? 10.251  -1.934  -0.873  1.00 20.66 ? 31  PHE A CA  1 
ATOM   146 C C   . PHE A 1 31  ? 11.260  -0.950  -1.466  1.00 21.08 ? 31  PHE A C   1 
ATOM   147 O O   . PHE A 1 31  ? 11.694  -1.112  -2.609  1.00 21.82 ? 31  PHE A O   1 
ATOM   148 C CB  . PHE A 1 31  ? 8.911   -1.709  -1.571  1.00 20.81 ? 31  PHE A CB  1 
ATOM   149 C CG  . PHE A 1 31  ? 7.979   -2.898  -1.546  1.00 19.82 ? 31  PHE A CG  1 
ATOM   150 C CD1 . PHE A 1 31  ? 7.502   -3.413  -0.338  1.00 21.04 ? 31  PHE A CD1 1 
ATOM   151 C CD2 . PHE A 1 31  ? 7.534   -3.462  -2.740  1.00 21.97 ? 31  PHE A CD2 1 
ATOM   152 C CE1 . PHE A 1 31  ? 6.622   -4.495  -0.323  1.00 20.58 ? 31  PHE A CE1 1 
ATOM   153 C CE2 . PHE A 1 31  ? 6.658   -4.544  -2.736  1.00 22.36 ? 31  PHE A CE2 1 
ATOM   154 C CZ  . PHE A 1 31  ? 6.201   -5.059  -1.513  1.00 21.61 ? 31  PHE A CZ  1 
ATOM   155 N N   . LEU A 1 32  ? 11.621  0.075   -0.698  1.00 21.47 ? 32  LEU A N   1 
ATOM   156 C CA  . LEU A 1 32  ? 12.256  1.248   -1.290  1.00 22.04 ? 32  LEU A CA  1 
ATOM   157 C C   . LEU A 1 32  ? 13.759  1.326   -1.092  1.00 23.36 ? 32  LEU A C   1 
ATOM   158 O O   . LEU A 1 32  ? 14.329  0.723   -0.180  1.00 23.99 ? 32  LEU A O   1 
ATOM   159 C CB  . LEU A 1 32  ? 11.593  2.536   -0.775  1.00 21.20 ? 32  LEU A CB  1 
ATOM   160 C CG  . LEU A 1 32  ? 10.073  2.637   -0.956  1.00 19.70 ? 32  LEU A CG  1 
ATOM   161 C CD1 . LEU A 1 32  ? 9.552   3.984   -0.446  1.00 19.13 ? 32  LEU A CD1 1 
ATOM   162 C CD2 . LEU A 1 32  ? 9.660   2.404   -2.394  1.00 20.34 ? 32  LEU A CD2 1 
ATOM   163 N N   . GLN A 1 33  ? 14.383  2.088   -1.982  1.00 24.75 ? 33  GLN A N   1 
ATOM   164 C CA  A GLN A 1 33  ? 15.800  2.394   -1.887  0.50 25.48 ? 33  GLN A CA  1 
ATOM   165 C CA  B GLN A 1 33  ? 15.794  2.382   -1.878  0.50 25.47 ? 33  GLN A CA  1 
ATOM   166 C C   . GLN A 1 33  ? 16.036  3.158   -0.591  1.00 25.85 ? 33  GLN A C   1 
ATOM   167 O O   . GLN A 1 33  ? 15.213  3.987   -0.194  1.00 25.24 ? 33  GLN A O   1 
ATOM   168 C CB  A GLN A 1 33  ? 16.237  3.222   -3.107  0.50 25.87 ? 33  GLN A CB  1 
ATOM   169 C CB  B GLN A 1 33  ? 16.213  3.215   -3.078  0.50 25.87 ? 33  GLN A CB  1 
ATOM   170 C CG  A GLN A 1 33  ? 17.726  3.581   -3.172  0.50 26.79 ? 33  GLN A CG  1 
ATOM   171 C CG  B GLN A 1 33  ? 17.499  2.773   -3.715  0.50 26.72 ? 33  GLN A CG  1 
ATOM   172 C CD  A GLN A 1 33  ? 18.641  2.360   -3.226  0.50 27.86 ? 33  GLN A CD  1 
ATOM   173 C CD  B GLN A 1 33  ? 17.818  3.579   -4.948  0.50 28.10 ? 33  GLN A CD  1 
ATOM   174 O OE1 A GLN A 1 33  ? 19.538  2.212   -2.398  0.50 29.28 ? 33  GLN A OE1 1 
ATOM   175 O OE1 B GLN A 1 33  ? 17.565  4.781   -4.995  0.50 29.22 ? 33  GLN A OE1 1 
ATOM   176 N NE2 A GLN A 1 33  ? 18.405  1.475   -4.193  0.50 29.37 ? 33  GLN A NE2 1 
ATOM   177 N NE2 B GLN A 1 33  ? 18.365  2.921   -5.961  0.50 28.45 ? 33  GLN A NE2 1 
ATOM   178 N N   . LYS A 1 34  ? 17.158  2.876   0.072   1.00 26.44 ? 34  LYS A N   1 
ATOM   179 C CA  . LYS A 1 34  ? 17.502  3.529   1.335   1.00 27.44 ? 34  LYS A CA  1 
ATOM   180 C C   . LYS A 1 34  ? 17.451  5.045   1.199   1.00 27.64 ? 34  LYS A C   1 
ATOM   181 O O   . LYS A 1 34  ? 17.931  5.603   0.205   1.00 28.81 ? 34  LYS A O   1 
ATOM   182 C CB  . LYS A 1 34  ? 18.890  3.100   1.806   1.00 27.81 ? 34  LYS A CB  1 
ATOM   183 N N   . GLY A 1 35  ? 16.842  5.699   2.183   1.00 27.57 ? 35  GLY A N   1 
ATOM   184 C CA  . GLY A 1 35  ? 16.713  7.157   2.184   1.00 26.89 ? 35  GLY A CA  1 
ATOM   185 C C   . GLY A 1 35  ? 15.574  7.726   1.348   1.00 26.23 ? 35  GLY A C   1 
ATOM   186 O O   . GLY A 1 35  ? 15.285  8.922   1.440   1.00 26.45 ? 35  GLY A O   1 
ATOM   187 N N   . GLU A 1 36  ? 14.938  6.889   0.524   1.00 25.33 ? 36  GLU A N   1 
ATOM   188 C CA  . GLU A 1 36  ? 13.775  7.307   -0.264  1.00 24.80 ? 36  GLU A CA  1 
ATOM   189 C C   . GLU A 1 36  ? 12.647  7.681   0.682   1.00 23.81 ? 36  GLU A C   1 
ATOM   190 O O   . GLU A 1 36  ? 12.398  6.975   1.663   1.00 24.24 ? 36  GLU A O   1 
ATOM   191 C CB  . GLU A 1 36  ? 13.323  6.180   -1.205  1.00 25.25 ? 36  GLU A CB  1 
ATOM   192 C CG  . GLU A 1 36  ? 12.266  6.569   -2.212  1.00 26.75 ? 36  GLU A CG  1 
ATOM   193 C CD  . GLU A 1 36  ? 12.814  7.307   -3.426  1.00 28.73 ? 36  GLU A CD  1 
ATOM   194 O OE1 . GLU A 1 36  ? 14.055  7.480   -3.545  1.00 31.57 ? 36  GLU A OE1 1 
ATOM   195 O OE2 . GLU A 1 36  ? 11.984  7.716   -4.261  1.00 28.11 ? 36  GLU A OE2 1 
ATOM   196 N N   . LYS A 1 37  ? 11.962  8.783   0.386   1.00 22.47 ? 37  LYS A N   1 
ATOM   197 C CA  . LYS A 1 37  ? 10.895  9.273   1.250   1.00 21.73 ? 37  LYS A CA  1 
ATOM   198 C C   . LYS A 1 37  ? 9.515   8.967   0.683   1.00 20.40 ? 37  LYS A C   1 
ATOM   199 O O   . LYS A 1 37  ? 9.235   9.250   -0.485  1.00 20.72 ? 37  LYS A O   1 
ATOM   200 C CB  . LYS A 1 37  ? 11.060  10.779  1.495   1.00 21.79 ? 37  LYS A CB  1 
ATOM   201 C CG  . LYS A 1 37  ? 12.243  11.094  2.427   1.00 22.52 ? 37  LYS A CG  1 
ATOM   202 C CD  . LYS A 1 37  ? 12.565  12.593  2.496   1.00 23.77 ? 37  LYS A CD  1 
ATOM   203 C CE  . LYS A 1 37  ? 13.279  13.076  1.249   1.00 27.29 ? 37  LYS A CE  1 
ATOM   204 N NZ  . LYS A 1 37  ? 13.615  14.541  1.317   1.00 29.09 ? 37  LYS A NZ  1 
ATOM   205 N N   . VAL A 1 38  ? 8.653   8.399   1.521   1.00 19.04 ? 38  VAL A N   1 
ATOM   206 C CA  . VAL A 1 38  ? 7.289   8.103   1.102   1.00 17.91 ? 38  VAL A CA  1 
ATOM   207 C C   . VAL A 1 38  ? 6.293   8.624   2.140   1.00 17.99 ? 38  VAL A C   1 
ATOM   208 O O   . VAL A 1 38  ? 6.494   8.449   3.341   1.00 18.20 ? 38  VAL A O   1 
ATOM   209 C CB  . VAL A 1 38  ? 7.092   6.574   0.851   1.00 18.21 ? 38  VAL A CB  1 
ATOM   210 C CG1 . VAL A 1 38  ? 7.395   5.760   2.113   1.00 18.02 ? 38  VAL A CG1 1 
ATOM   211 C CG2 . VAL A 1 38  ? 5.690   6.282   0.337   1.00 18.09 ? 38  VAL A CG2 1 
ATOM   212 N N   . THR A 1 39  ? 5.246   9.292   1.661   1.00 17.42 ? 39  THR A N   1 
ATOM   213 C CA  . THR A 1 39  ? 4.144   9.738   2.512   1.00 17.75 ? 39  THR A CA  1 
ATOM   214 C C   . THR A 1 39  ? 2.841   9.127   1.996   1.00 17.24 ? 39  THR A C   1 
ATOM   215 O O   . THR A 1 39  ? 2.809   8.563   0.889   1.00 17.76 ? 39  THR A O   1 
ATOM   216 C CB  . THR A 1 39  ? 3.986   11.265  2.487   1.00 17.91 ? 39  THR A CB  1 
ATOM   217 O OG1 . THR A 1 39  ? 3.423   11.650  1.228   1.00 18.19 ? 39  THR A OG1 1 
ATOM   218 C CG2 . THR A 1 39  ? 5.327   11.961  2.718   1.00 18.81 ? 39  THR A CG2 1 
ATOM   219 N N   . PRO A 1 40  ? 1.746   9.235   2.776   1.00 17.46 ? 40  PRO A N   1 
ATOM   220 C CA  . PRO A 1 40  ? 0.503   8.628   2.278   1.00 17.47 ? 40  PRO A CA  1 
ATOM   221 C C   . PRO A 1 40  ? -0.001  9.226   0.954   1.00 17.83 ? 40  PRO A C   1 
ATOM   222 O O   . PRO A 1 40  ? -0.719  8.553   0.214   1.00 18.29 ? 40  PRO A O   1 
ATOM   223 C CB  . PRO A 1 40  ? -0.497  8.888   3.407   1.00 17.55 ? 40  PRO A CB  1 
ATOM   224 C CG  . PRO A 1 40  ? 0.360   9.103   4.628   1.00 17.63 ? 40  PRO A CG  1 
ATOM   225 C CD  . PRO A 1 40  ? 1.564   9.830   4.113   1.00 17.83 ? 40  PRO A CD  1 
ATOM   226 N N   . SER A 1 41  ? 0.374   10.464  0.649   1.00 18.52 ? 41  SER A N   1 
ATOM   227 C CA  . SER A 1 41  ? -0.092  11.087  -0.590  1.00 19.53 ? 41  SER A CA  1 
ATOM   228 C C   . SER A 1 41  ? 0.896   10.973  -1.760  1.00 19.47 ? 41  SER A C   1 
ATOM   229 O O   . SER A 1 41  ? 0.588   11.404  -2.881  1.00 19.45 ? 41  SER A O   1 
ATOM   230 C CB  . SER A 1 41  ? -0.460  12.552  -0.347  1.00 20.62 ? 41  SER A CB  1 
ATOM   231 O OG  . SER A 1 41  ? 0.684   13.266  0.064   1.00 23.62 ? 41  SER A OG  1 
ATOM   232 N N   . SER A 1 42  ? 2.066   10.384  -1.506  1.00 19.12 ? 42  SER A N   1 
ATOM   233 C CA  . SER A 1 42  ? 3.071   10.192  -2.563  1.00 19.22 ? 42  SER A CA  1 
ATOM   234 C C   . SER A 1 42  ? 2.494   9.341   -3.695  1.00 19.48 ? 42  SER A C   1 
ATOM   235 O O   . SER A 1 42  ? 1.822   8.348   -3.444  1.00 19.03 ? 42  SER A O   1 
ATOM   236 C CB  . SER A 1 42  ? 4.336   9.508   -2.020  1.00 19.00 ? 42  SER A CB  1 
ATOM   237 O OG  . SER A 1 42  ? 4.971   10.255  -1.000  1.00 19.32 ? 42  SER A OG  1 
ATOM   238 N N   . LYS A 1 43  ? 2.739   9.735   -4.942  1.00 19.65 ? 43  LYS A N   1 
ATOM   239 C CA  . LYS A 1 43  ? 2.402   8.868   -6.067  1.00 20.37 ? 43  LYS A CA  1 
ATOM   240 C C   . LYS A 1 43  ? 3.396   7.708   -6.099  1.00 19.86 ? 43  LYS A C   1 
ATOM   241 O O   . LYS A 1 43  ? 4.603   7.919   -6.239  1.00 20.26 ? 43  LYS A O   1 
ATOM   242 C CB  . LYS A 1 43  ? 2.419   9.657   -7.383  1.00 20.82 ? 43  LYS A CB  1 
ATOM   243 C CG  . LYS A 1 43  ? 1.245   10.642  -7.512  1.00 24.49 ? 43  LYS A CG  1 
ATOM   244 C CD  . LYS A 1 43  ? -0.019  9.944   -8.001  1.00 29.85 ? 43  LYS A CD  1 
ATOM   245 C CE  . LYS A 1 43  ? -1.233  10.870  -7.956  1.00 33.27 ? 43  LYS A CE  1 
ATOM   246 N NZ  . LYS A 1 43  ? -1.867  10.914  -6.605  1.00 35.83 ? 43  LYS A NZ  1 
ATOM   247 N N   . LEU A 1 44  ? 2.893   6.486   -5.926  1.00 20.27 ? 44  LEU A N   1 
ATOM   248 C CA  . LEU A 1 44  ? 3.761   5.310   -5.851  1.00 20.79 ? 44  LEU A CA  1 
ATOM   249 C C   . LEU A 1 44  ? 4.737   5.240   -7.020  1.00 22.13 ? 44  LEU A C   1 
ATOM   250 O O   . LEU A 1 44  ? 5.918   4.950   -6.820  1.00 20.86 ? 44  LEU A O   1 
ATOM   251 C CB  . LEU A 1 44  ? 2.935   4.025   -5.797  1.00 21.01 ? 44  LEU A CB  1 
ATOM   252 C CG  . LEU A 1 44  ? 2.097   3.802   -4.536  1.00 20.01 ? 44  LEU A CG  1 
ATOM   253 C CD1 . LEU A 1 44  ? 1.134   2.646   -4.752  1.00 20.95 ? 44  LEU A CD1 1 
ATOM   254 C CD2 . LEU A 1 44  ? 2.981   3.557   -3.332  1.00 21.08 ? 44  LEU A CD2 1 
ATOM   255 N N   . GLU A 1 45  ? 4.233   5.560   -8.214  1.00 23.51 ? 45  GLU A N   1 
ATOM   256 C CA  A GLU A 1 45  ? 5.029   5.457   -9.439  0.50 24.72 ? 45  GLU A CA  1 
ATOM   257 C CA  B GLU A 1 45  ? 5.007   5.485   -9.462  0.50 24.73 ? 45  GLU A CA  1 
ATOM   258 C C   . GLU A 1 45  ? 6.212   6.423   -9.511  1.00 25.00 ? 45  GLU A C   1 
ATOM   259 O O   . GLU A 1 45  ? 7.046   6.326   -10.425 1.00 25.05 ? 45  GLU A O   1 
ATOM   260 C CB  A GLU A 1 45  ? 4.133   5.605   -10.671 0.50 25.04 ? 45  GLU A CB  1 
ATOM   261 C CB  B GLU A 1 45  ? 4.100   5.757   -10.668 0.50 24.75 ? 45  GLU A CB  1 
ATOM   262 C CG  A GLU A 1 45  ? 3.896   4.307   -11.440 0.50 27.48 ? 45  GLU A CG  1 
ATOM   263 C CG  B GLU A 1 45  ? 3.708   7.227   -10.838 0.50 25.75 ? 45  GLU A CG  1 
ATOM   264 C CD  A GLU A 1 45  ? 2.963   3.316   -10.754 0.50 29.26 ? 45  GLU A CD  1 
ATOM   265 C CD  B GLU A 1 45  ? 2.751   7.475   -11.999 0.50 26.04 ? 45  GLU A CD  1 
ATOM   266 O OE1 A GLU A 1 45  ? 2.954   2.143   -11.184 0.50 30.48 ? 45  GLU A OE1 1 
ATOM   267 O OE1 B GLU A 1 45  ? 2.687   6.647   -12.935 0.50 28.71 ? 45  GLU A OE1 1 
ATOM   268 O OE2 A GLU A 1 45  ? 2.228   3.692   -9.811  0.50 31.21 ? 45  GLU A OE2 1 
ATOM   269 O OE2 B GLU A 1 45  ? 2.055   8.509   -11.967 0.50 29.09 ? 45  GLU A OE2 1 
ATOM   270 N N   . GLU A 1 46  ? 6.296   7.336   -8.548  1.00 25.63 ? 46  GLU A N   1 
ATOM   271 C CA  . GLU A 1 46  ? 7.402   8.290   -8.485  1.00 26.87 ? 46  GLU A CA  1 
ATOM   272 C C   . GLU A 1 46  ? 8.506   7.842   -7.505  1.00 26.09 ? 46  GLU A C   1 
ATOM   273 O O   . GLU A 1 46  ? 9.574   8.458   -7.435  1.00 26.47 ? 46  GLU A O   1 
ATOM   274 C CB  . GLU A 1 46  ? 6.859   9.712   -8.225  1.00 27.29 ? 46  GLU A CB  1 
ATOM   275 C CG  . GLU A 1 46  ? 6.115   10.270  -9.465  1.00 29.68 ? 46  GLU A CG  1 
ATOM   276 C CD  . GLU A 1 46  ? 5.107   11.407  -9.197  1.00 30.09 ? 46  GLU A CD  1 
ATOM   277 O OE1 . GLU A 1 46  ? 5.104   12.008  -8.101  1.00 33.91 ? 46  GLU A OE1 1 
ATOM   278 O OE2 . GLU A 1 46  ? 4.308   11.703  -10.118 1.00 34.84 ? 46  GLU A OE2 1 
ATOM   279 N N   . LEU A 1 47  ? 8.261   6.732   -6.804  1.00 24.78 ? 47  LEU A N   1 
ATOM   280 C CA  . LEU A 1 47  ? 9.161   6.211   -5.780  1.00 24.66 ? 47  LEU A CA  1 
ATOM   281 C C   . LEU A 1 47  ? 10.221  5.279   -6.357  1.00 24.61 ? 47  LEU A C   1 
ATOM   282 O O   . LEU A 1 47  ? 9.927   4.480   -7.233  1.00 24.80 ? 47  LEU A O   1 
ATOM   283 C CB  . LEU A 1 47  ? 8.368   5.439   -4.718  1.00 24.50 ? 47  LEU A CB  1 
ATOM   284 C CG  . LEU A 1 47  ? 7.320   6.211   -3.910  1.00 24.30 ? 47  LEU A CG  1 
ATOM   285 C CD1 . LEU A 1 47  ? 6.510   5.243   -3.038  1.00 25.07 ? 47  LEU A CD1 1 
ATOM   286 C CD2 . LEU A 1 47  ? 7.961   7.315   -3.069  1.00 25.33 ? 47  LEU A CD2 1 
ATOM   287 N N   . ARG A 1 48  ? 11.438  5.371   -5.827  1.00 25.39 ? 48  ARG A N   1 
ATOM   288 C CA  . ARG A 1 48  ? 12.526  4.489   -6.246  1.00 26.11 ? 48  ARG A CA  1 
ATOM   289 C C   . ARG A 1 48  ? 12.612  3.255   -5.353  1.00 26.17 ? 48  ARG A C   1 
ATOM   290 O O   . ARG A 1 48  ? 12.720  3.368   -4.126  1.00 25.67 ? 48  ARG A O   1 
ATOM   291 C CB  . ARG A 1 48  ? 13.855  5.243   -6.253  1.00 26.66 ? 48  ARG A CB  1 
ATOM   292 C CG  . ARG A 1 48  ? 14.943  4.527   -7.037  1.00 28.97 ? 48  ARG A CG  1 
ATOM   293 C CD  . ARG A 1 48  ? 16.028  5.501   -7.484  1.00 31.15 ? 48  ARG A CD  1 
ATOM   294 N NE  . ARG A 1 48  ? 15.533  6.484   -8.445  1.00 34.04 ? 48  ARG A NE  1 
ATOM   295 C CZ  . ARG A 1 48  ? 15.455  6.290   -9.760  1.00 35.21 ? 48  ARG A CZ  1 
ATOM   296 N NH1 . ARG A 1 48  ? 14.988  7.256   -10.537 1.00 37.04 ? 48  ARG A NH1 1 
ATOM   297 N NH2 . ARG A 1 48  ? 15.830  5.135   -10.304 1.00 35.80 ? 48  ARG A NH2 1 
ATOM   298 N N   . THR A 1 49  ? 12.585  2.084   -5.985  1.00 26.96 ? 49  THR A N   1 
ATOM   299 C CA  . THR A 1 49  ? 12.623  0.803   -5.265  1.00 28.24 ? 49  THR A CA  1 
ATOM   300 C C   . THR A 1 49  ? 14.056  0.314   -5.037  1.00 29.74 ? 49  THR A C   1 
ATOM   301 O O   . THR A 1 49  ? 15.010  0.919   -5.533  1.00 29.67 ? 49  THR A O   1 
ATOM   302 C CB  . THR A 1 49  ? 11.820  -0.282  -6.010  1.00 28.13 ? 49  THR A CB  1 
ATOM   303 O OG1 . THR A 1 49  ? 12.490  -0.627  -7.233  1.00 28.21 ? 49  THR A OG1 1 
ATOM   304 C CG2 . THR A 1 49  ? 10.404  0.202   -6.315  1.00 28.40 ? 49  THR A CG2 1 
ATOM   305 N N   . ARG A 1 50  ? 14.194  -0.778  -4.282  1.00 31.42 ? 50  ARG A N   1 
ATOM   306 C CA  . ARG A 1 50  ? 15.496  -1.395  -3.982  1.00 33.60 ? 50  ARG A CA  1 
ATOM   307 C C   . ARG A 1 50  ? 16.289  -1.718  -5.244  1.00 34.32 ? 50  ARG A C   1 
ATOM   308 O O   . ARG A 1 50  ? 17.517  -1.853  -5.200  1.00 35.15 ? 50  ARG A O   1 
ATOM   309 C CB  . ARG A 1 50  ? 15.302  -2.693  -3.189  1.00 33.86 ? 50  ARG A CB  1 
ATOM   310 C CG  . ARG A 1 50  ? 14.672  -2.530  -1.815  1.00 36.09 ? 50  ARG A CG  1 
ATOM   311 C CD  . ARG A 1 50  ? 15.678  -2.097  -0.765  1.00 38.58 ? 50  ARG A CD  1 
ATOM   312 N NE  . ARG A 1 50  ? 15.110  -2.187  0.579   1.00 40.36 ? 50  ARG A NE  1 
ATOM   313 C CZ  . ARG A 1 50  ? 15.474  -3.078  1.501   1.00 41.68 ? 50  ARG A CZ  1 
ATOM   314 N NH1 . ARG A 1 50  ? 16.433  -3.967  1.246   1.00 42.07 ? 50  ARG A NH1 1 
ATOM   315 N NH2 . ARG A 1 50  ? 14.885  -3.071  2.690   1.00 41.94 ? 50  ARG A NH2 1 
ATOM   316 N N   . GLU A 1 51  ? 15.567  -1.843  -6.356  1.00 35.16 ? 51  GLU A N   1 
ATOM   317 C CA  . GLU A 1 51  ? 16.134  -2.191  -7.658  1.00 35.80 ? 51  GLU A CA  1 
ATOM   318 C C   . GLU A 1 51  ? 16.645  -0.980  -8.428  1.00 35.70 ? 51  GLU A C   1 
ATOM   319 O O   . GLU A 1 51  ? 17.003  -1.111  -9.605  1.00 36.19 ? 51  GLU A O   1 
ATOM   320 C CB  . GLU A 1 51  ? 15.077  -2.886  -8.515  1.00 36.03 ? 51  GLU A CB  1 
ATOM   321 C CG  . GLU A 1 51  ? 14.478  -4.128  -7.898  1.00 38.07 ? 51  GLU A CG  1 
ATOM   322 C CD  . GLU A 1 51  ? 13.429  -4.760  -8.788  1.00 40.79 ? 51  GLU A CD  1 
ATOM   323 O OE1 . GLU A 1 51  ? 13.611  -4.741  -10.022 1.00 42.80 ? 51  GLU A OE1 1 
ATOM   324 O OE2 . GLU A 1 51  ? 12.424  -5.278  -8.251  1.00 41.90 ? 51  GLU A OE2 1 
ATOM   325 N N   . ASP A 1 52  ? 16.675  0.178   -7.755  1.00 35.29 ? 52  ASP A N   1 
ATOM   326 C CA  A ASP A 1 52  ? 17.056  1.464   -8.351  0.50 34.85 ? 52  ASP A CA  1 
ATOM   327 C CA  B ASP A 1 52  ? 17.084  1.450   -8.365  0.50 34.95 ? 52  ASP A CA  1 
ATOM   328 C C   . ASP A 1 52  ? 16.316  1.755   -9.659  1.00 34.36 ? 52  ASP A C   1 
ATOM   329 O O   . ASP A 1 52  ? 16.874  2.307   -10.618 1.00 34.74 ? 52  ASP A O   1 
ATOM   330 C CB  A ASP A 1 52  ? 18.583  1.578   -8.511  0.50 35.14 ? 52  ASP A CB  1 
ATOM   331 C CB  B ASP A 1 52  ? 18.606  1.486   -8.598  0.50 35.34 ? 52  ASP A CB  1 
ATOM   332 C CG  A ASP A 1 52  ? 19.303  1.766   -7.176  0.50 35.48 ? 52  ASP A CG  1 
ATOM   333 C CG  B ASP A 1 52  ? 19.120  2.876   -8.958  0.50 35.99 ? 52  ASP A CG  1 
ATOM   334 O OD1 A ASP A 1 52  ? 18.754  1.369   -6.125  0.50 35.74 ? 52  ASP A OD1 1 
ATOM   335 O OD1 B ASP A 1 52  ? 18.500  3.880   -8.547  0.50 37.22 ? 52  ASP A OD1 1 
ATOM   336 O OD2 A ASP A 1 52  ? 20.428  2.312   -7.180  0.50 35.97 ? 52  ASP A OD2 1 
ATOM   337 O OD2 B ASP A 1 52  ? 20.153  2.963   -9.655  0.50 36.97 ? 52  ASP A OD2 1 
ATOM   338 N N   . ARG A 1 53  ? 15.041  1.374   -9.680  1.00 32.86 ? 53  ARG A N   1 
ATOM   339 C CA  . ARG A 1 53  ? 14.119  1.708   -10.755 1.00 31.42 ? 53  ARG A CA  1 
ATOM   340 C C   . ARG A 1 53  ? 12.889  2.307   -10.079 1.00 29.86 ? 53  ARG A C   1 
ATOM   341 O O   . ARG A 1 53  ? 12.713  2.149   -8.866  1.00 29.91 ? 53  ARG A O   1 
ATOM   342 C CB  . ARG A 1 53  ? 13.735  0.461   -11.567 1.00 31.53 ? 53  ARG A CB  1 
ATOM   343 C CG  . ARG A 1 53  ? 12.942  -0.591  -10.795 1.00 32.60 ? 53  ARG A CG  1 
ATOM   344 C CD  . ARG A 1 53  ? 12.764  -1.869  -11.603 0.50 32.43 ? 53  ARG A CD  1 
ATOM   345 N NE  . ARG A 1 53  ? 11.663  -1.776  -12.564 0.50 34.38 ? 53  ARG A NE  1 
ATOM   346 C CZ  . ARG A 1 53  ? 11.485  -2.610  -13.587 0.50 35.21 ? 53  ARG A CZ  1 
ATOM   347 N NH1 . ARG A 1 53  ? 10.451  -2.446  -14.406 0.50 35.73 ? 53  ARG A NH1 1 
ATOM   348 N NH2 . ARG A 1 53  ? 12.337  -3.606  -13.800 0.50 35.16 ? 53  ARG A NH2 1 
ATOM   349 N N   . LEU A 1 54  ? 12.048  2.987   -10.845 1.00 28.25 ? 54  LEU A N   1 
ATOM   350 C CA  . LEU A 1 54  ? 10.805  3.508   -10.291 1.00 26.52 ? 54  LEU A CA  1 
ATOM   351 C C   . LEU A 1 54  ? 9.784   2.390   -10.072 1.00 25.09 ? 54  LEU A C   1 
ATOM   352 O O   . LEU A 1 54  ? 9.701   1.434   -10.849 1.00 24.44 ? 54  LEU A O   1 
ATOM   353 C CB  . LEU A 1 54  ? 10.225  4.618   -11.171 1.00 27.58 ? 54  LEU A CB  1 
ATOM   354 C CG  . LEU A 1 54  ? 11.103  5.868   -11.333 1.00 27.92 ? 54  LEU A CG  1 
ATOM   355 C CD1 . LEU A 1 54  ? 10.412  6.891   -12.212 1.00 29.33 ? 54  LEU A CD1 1 
ATOM   356 C CD2 . LEU A 1 54  ? 11.474  6.492   -9.991  1.00 29.70 ? 54  LEU A CD2 1 
ATOM   357 N N   . TRP A 1 55  ? 9.027   2.524   -8.992  1.00 23.26 ? 55  TRP A N   1 
ATOM   358 C CA  . TRP A 1 55  ? 7.917   1.637   -8.666  1.00 22.18 ? 55  TRP A CA  1 
ATOM   359 C C   . TRP A 1 55  ? 7.011   1.444   -9.879  1.00 21.77 ? 55  TRP A C   1 
ATOM   360 O O   . TRP A 1 55  ? 6.658   2.414   -10.555 1.00 22.22 ? 55  TRP A O   1 
ATOM   361 C CB  . TRP A 1 55  ? 7.125   2.302   -7.545  1.00 21.49 ? 55  TRP A CB  1 
ATOM   362 C CG  . TRP A 1 55  ? 5.963   1.532   -6.983  1.00 20.93 ? 55  TRP A CG  1 
ATOM   363 C CD1 . TRP A 1 55  ? 4.770   1.253   -7.593  1.00 21.06 ? 55  TRP A CD1 1 
ATOM   364 C CD2 . TRP A 1 55  ? 5.884   0.987   -5.666  1.00 21.09 ? 55  TRP A CD2 1 
ATOM   365 N NE1 . TRP A 1 55  ? 3.950   0.542   -6.728  1.00 19.91 ? 55  TRP A NE1 1 
ATOM   366 C CE2 . TRP A 1 55  ? 4.609   0.377   -5.537  1.00 21.15 ? 55  TRP A CE2 1 
ATOM   367 C CE3 . TRP A 1 55  ? 6.765   0.961   -4.575  1.00 20.30 ? 55  TRP A CE3 1 
ATOM   368 C CZ2 . TRP A 1 55  ? 4.200   -0.273  -4.361  1.00 19.83 ? 55  TRP A CZ2 1 
ATOM   369 C CZ3 . TRP A 1 55  ? 6.360   0.309   -3.400  1.00 20.89 ? 55  TRP A CZ3 1 
ATOM   370 C CH2 . TRP A 1 55  ? 5.083   -0.296  -3.308  1.00 20.49 ? 55  TRP A CH2 1 
ATOM   371 N N   . ASP A 1 56  ? 6.633   0.199   -10.162 1.00 21.17 ? 56  ASP A N   1 
ATOM   372 C CA  . ASP A 1 56  ? 5.780   -0.084  -11.316 1.00 21.69 ? 56  ASP A CA  1 
ATOM   373 C C   . ASP A 1 56  ? 4.613   -1.018  -10.969 1.00 21.13 ? 56  ASP A C   1 
ATOM   374 O O   . ASP A 1 56  ? 4.378   -1.300  -9.786  1.00 20.48 ? 56  ASP A O   1 
ATOM   375 C CB  . ASP A 1 56  ? 6.620   -0.627  -12.489 1.00 22.34 ? 56  ASP A CB  1 
ATOM   376 C CG  . ASP A 1 56  ? 7.321   -1.941  -12.165 1.00 25.17 ? 56  ASP A CG  1 
ATOM   377 O OD1 . ASP A 1 56  ? 6.995   -2.573  -11.140 1.00 24.16 ? 56  ASP A OD1 1 
ATOM   378 O OD2 . ASP A 1 56  ? 8.203   -2.356  -12.961 1.00 28.84 ? 56  ASP A OD2 1 
ATOM   379 N N   . CYS A 1 57  ? 3.903   -1.487  -11.997 1.00 21.51 ? 57  CYS A N   1 
ATOM   380 C CA  A CYS A 1 57  ? 2.729   -2.346  -11.816 0.50 21.46 ? 57  CYS A CA  1 
ATOM   381 C CA  B CYS A 1 57  ? 2.732   -2.348  -11.830 0.50 21.27 ? 57  CYS A CA  1 
ATOM   382 C C   . CYS A 1 57  ? 3.051   -3.579  -10.985 1.00 20.89 ? 57  CYS A C   1 
ATOM   383 O O   . CYS A 1 57  ? 2.266   -3.964  -10.120 1.00 20.89 ? 57  CYS A O   1 
ATOM   384 C CB  A CYS A 1 57  ? 2.133   -2.761  -13.162 0.50 21.84 ? 57  CYS A CB  1 
ATOM   385 C CB  B CYS A 1 57  ? 2.177   -2.779  -13.191 0.50 21.63 ? 57  CYS A CB  1 
ATOM   386 S SG  A CYS A 1 57  ? 1.406   -1.392  -14.070 0.50 25.17 ? 57  CYS A SG  1 
ATOM   387 S SG  B CYS A 1 57  ? 0.756   -3.875  -13.086 0.50 23.75 ? 57  CYS A SG  1 
ATOM   388 N N   . LEU A 1 58  ? 4.209   -4.193  -11.236 1.00 19.86 ? 58  LEU A N   1 
ATOM   389 C CA  . LEU A 1 58  ? 4.623   -5.349  -10.430 1.00 19.06 ? 58  LEU A CA  1 
ATOM   390 C C   . LEU A 1 58  ? 4.692   -5.025  -8.944  1.00 18.82 ? 58  LEU A C   1 
ATOM   391 O O   . LEU A 1 58  ? 4.242   -5.819  -8.107  1.00 18.45 ? 58  LEU A O   1 
ATOM   392 C CB  . LEU A 1 58  ? 5.980   -5.899  -10.890 1.00 19.37 ? 58  LEU A CB  1 
ATOM   393 C CG  . LEU A 1 58  ? 6.519   -7.095  -10.088 1.00 18.07 ? 58  LEU A CG  1 
ATOM   394 C CD1 . LEU A 1 58  ? 5.592   -8.313  -10.176 1.00 19.41 ? 58  LEU A CD1 1 
ATOM   395 C CD2 . LEU A 1 58  ? 7.908   -7.446  -10.589 1.00 19.16 ? 58  LEU A CD2 1 
ATOM   396 N N   . ASP A 1 59  ? 5.292   -3.886  -8.599  1.00 18.36 ? 59  ASP A N   1 
ATOM   397 C CA  . ASP A 1 59  ? 5.408   -3.511  -7.195  1.00 18.34 ? 59  ASP A CA  1 
ATOM   398 C C   . ASP A 1 59  ? 4.025   -3.371  -6.565  1.00 18.46 ? 59  ASP A C   1 
ATOM   399 O O   . ASP A 1 59  ? 3.791   -3.827  -5.453  1.00 18.85 ? 59  ASP A O   1 
ATOM   400 C CB  . ASP A 1 59  ? 6.206   -2.224  -7.051  1.00 18.23 ? 59  ASP A CB  1 
ATOM   401 C CG  . ASP A 1 59  ? 7.647   -2.385  -7.511  1.00 19.94 ? 59  ASP A CG  1 
ATOM   402 O OD1 . ASP A 1 59  ? 8.396   -3.187  -6.902  1.00 23.82 ? 59  ASP A OD1 1 
ATOM   403 O OD2 . ASP A 1 59  ? 8.021   -1.698  -8.473  1.00 21.68 ? 59  ASP A OD2 1 
ATOM   404 N N   . THR A 1 60  ? 3.099   -2.764  -7.295  1.00 18.44 ? 60  THR A N   1 
ATOM   405 C CA  . THR A 1 60  ? 1.736   -2.636  -6.771  1.00 18.85 ? 60  THR A CA  1 
ATOM   406 C C   . THR A 1 60  ? 1.087   -3.999  -6.526  1.00 18.37 ? 60  THR A C   1 
ATOM   407 O O   . THR A 1 60  ? 0.527   -4.237  -5.450  1.00 18.85 ? 60  THR A O   1 
ATOM   408 C CB  . THR A 1 60  ? 0.885   -1.756  -7.672  1.00 18.57 ? 60  THR A CB  1 
ATOM   409 O OG1 . THR A 1 60  ? 1.479   -0.454  -7.696  1.00 18.70 ? 60  THR A OG1 1 
ATOM   410 C CG2 . THR A 1 60  ? -0.557  -1.661  -7.138  1.00 19.54 ? 60  THR A CG2 1 
ATOM   411 N N   . VAL A 1 61  ? 1.191   -4.895  -7.505  1.00 18.49 ? 61  VAL A N   1 
ATOM   412 C CA  . VAL A 1 61  ? 0.661   -6.255  -7.367  1.00 18.58 ? 61  VAL A CA  1 
ATOM   413 C C   . VAL A 1 61  ? 1.240   -6.940  -6.113  1.00 18.53 ? 61  VAL A C   1 
ATOM   414 O O   . VAL A 1 61  ? 0.499   -7.508  -5.305  1.00 18.70 ? 61  VAL A O   1 
ATOM   415 C CB  . VAL A 1 61  ? 0.947   -7.103  -8.636  1.00 18.98 ? 61  VAL A CB  1 
ATOM   416 C CG1 . VAL A 1 61  ? 0.553   -8.566  -8.428  1.00 20.35 ? 61  VAL A CG1 1 
ATOM   417 C CG2 . VAL A 1 61  ? 0.225   -6.518  -9.867  1.00 20.57 ? 61  VAL A CG2 1 
ATOM   418 N N   . GLU A 1 62  ? 2.560   -6.876  -5.955  1.00 18.04 ? 62  GLU A N   1 
ATOM   419 C CA  . GLU A 1 62  ? 3.241   -7.472  -4.797  1.00 18.13 ? 62  GLU A CA  1 
ATOM   420 C C   . GLU A 1 62  ? 2.820   -6.836  -3.475  1.00 18.16 ? 62  GLU A C   1 
ATOM   421 O O   . GLU A 1 62  ? 2.584   -7.527  -2.469  1.00 18.78 ? 62  GLU A O   1 
ATOM   422 C CB  . GLU A 1 62  ? 4.749   -7.360  -4.976  1.00 18.20 ? 62  GLU A CB  1 
ATOM   423 C CG  . GLU A 1 62  ? 5.279   -8.230  -6.102  1.00 19.19 ? 62  GLU A CG  1 
ATOM   424 C CD  . GLU A 1 62  ? 6.735   -7.977  -6.426  1.00 21.21 ? 62  GLU A CD  1 
ATOM   425 O OE1 . GLU A 1 62  ? 7.262   -6.889  -6.081  1.00 22.58 ? 62  GLU A OE1 1 
ATOM   426 O OE2 . GLU A 1 62  ? 7.346   -8.864  -7.062  1.00 19.45 ? 62  GLU A OE2 1 
ATOM   427 N N   . PHE A 1 63  ? 2.718   -5.509  -3.482  1.00 17.44 ? 63  PHE A N   1 
ATOM   428 C CA  . PHE A 1 63  ? 2.350   -4.779  -2.272  1.00 16.99 ? 63  PHE A CA  1 
ATOM   429 C C   . PHE A 1 63  ? 0.915   -5.093  -1.849  1.00 17.36 ? 63  PHE A C   1 
ATOM   430 O O   . PHE A 1 63  ? 0.642   -5.308  -0.670  1.00 17.69 ? 63  PHE A O   1 
ATOM   431 C CB  . PHE A 1 63  ? 2.537   -3.272  -2.446  1.00 17.35 ? 63  PHE A CB  1 
ATOM   432 C CG  . PHE A 1 63  ? 2.472   -2.518  -1.162  1.00 16.48 ? 63  PHE A CG  1 
ATOM   433 C CD1 . PHE A 1 63  ? 3.534   -2.568  -0.254  1.00 16.64 ? 63  PHE A CD1 1 
ATOM   434 C CD2 . PHE A 1 63  ? 1.345   -1.764  -0.837  1.00 17.21 ? 63  PHE A CD2 1 
ATOM   435 C CE1 . PHE A 1 63  ? 3.478   -1.896  0.965   1.00 16.66 ? 63  PHE A CE1 1 
ATOM   436 C CE2 . PHE A 1 63  ? 1.287   -1.076  0.382   1.00 17.19 ? 63  PHE A CE2 1 
ATOM   437 C CZ  . PHE A 1 63  ? 2.351   -1.147  1.289   1.00 16.51 ? 63  PHE A CZ  1 
ATOM   438 N N   . VAL A 1 64  ? 0.012   -5.153  -2.821  1.00 17.50 ? 64  VAL A N   1 
ATOM   439 C CA  . VAL A 1 64  ? -1.374  -5.518  -2.546  1.00 18.35 ? 64  VAL A CA  1 
ATOM   440 C C   . VAL A 1 64  ? -1.459  -6.919  -1.931  1.00 18.24 ? 64  VAL A C   1 
ATOM   441 O O   . VAL A 1 64  ? -2.193  -7.126  -0.973  1.00 18.55 ? 64  VAL A O   1 
ATOM   442 C CB  . VAL A 1 64  ? -2.233  -5.421  -3.819  1.00 18.13 ? 64  VAL A CB  1 
ATOM   443 C CG1 . VAL A 1 64  ? -3.571  -6.133  -3.644  1.00 20.06 ? 64  VAL A CG1 1 
ATOM   444 C CG2 . VAL A 1 64  ? -2.437  -3.951  -4.210  1.00 19.04 ? 64  VAL A CG2 1 
ATOM   445 N N   . LEU A 1 65  ? -0.699  -7.873  -2.469  1.00 18.53 ? 65  LEU A N   1 
ATOM   446 C CA  . LEU A 1 65  ? -0.680  -9.218  -1.884  1.00 19.26 ? 65  LEU A CA  1 
ATOM   447 C C   . LEU A 1 65  ? -0.212  -9.188  -0.430  1.00 19.16 ? 65  LEU A C   1 
ATOM   448 O O   . LEU A 1 65  ? -0.814  -9.830  0.448   1.00 19.50 ? 65  LEU A O   1 
ATOM   449 C CB  . LEU A 1 65  ? 0.189   -10.160 -2.725  1.00 19.72 ? 65  LEU A CB  1 
ATOM   450 C CG  . LEU A 1 65  ? -0.501  -10.622 -4.013  1.00 21.63 ? 65  LEU A CG  1 
ATOM   451 C CD1 . LEU A 1 65  ? 0.490   -11.132 -5.046  1.00 24.52 ? 65  LEU A CD1 1 
ATOM   452 C CD2 . LEU A 1 65  ? -1.582  -11.685 -3.751  1.00 23.86 ? 65  LEU A CD2 1 
ATOM   453 N N   . ASP A 1 66  ? 0.839   -8.416  -0.164  1.00 18.58 ? 66  ASP A N   1 
ATOM   454 C CA  . ASP A 1 66  ? 1.358   -8.251  1.194   1.00 19.18 ? 66  ASP A CA  1 
ATOM   455 C C   . ASP A 1 66  ? 0.282   -7.694  2.130   1.00 18.99 ? 66  ASP A C   1 
ATOM   456 O O   . ASP A 1 66  ? 0.135   -8.136  3.276   1.00 19.34 ? 66  ASP A O   1 
ATOM   457 C CB  . ASP A 1 66  ? 2.558   -7.298  1.197   1.00 19.22 ? 66  ASP A CB  1 
ATOM   458 C CG  . ASP A 1 66  ? 3.818   -7.919  0.607   1.00 20.87 ? 66  ASP A CG  1 
ATOM   459 O OD1 . ASP A 1 66  ? 3.793   -9.085  0.145   1.00 22.19 ? 66  ASP A OD1 1 
ATOM   460 O OD2 . ASP A 1 66  ? 4.844   -7.215  0.617   1.00 22.84 ? 66  ASP A OD2 1 
ATOM   461 N N   . VAL A 1 67  ? -0.450  -6.696  1.640   1.00 18.67 ? 67  VAL A N   1 
ATOM   462 C CA  . VAL A 1 67  ? -1.525  -6.059  2.404   1.00 18.54 ? 67  VAL A CA  1 
ATOM   463 C C   . VAL A 1 67  ? -2.684  -7.020  2.658   1.00 19.35 ? 67  VAL A C   1 
ATOM   464 O O   . VAL A 1 67  ? -3.228  -7.070  3.766   1.00 19.32 ? 67  VAL A O   1 
ATOM   465 C CB  . VAL A 1 67  ? -2.030  -4.777  1.697   1.00 18.64 ? 67  VAL A CB  1 
ATOM   466 C CG1 . VAL A 1 67  ? -3.341  -4.273  2.331   1.00 19.11 ? 67  VAL A CG1 1 
ATOM   467 C CG2 . VAL A 1 67  ? -0.957  -3.718  1.744   1.00 17.66 ? 67  VAL A CG2 1 
ATOM   468 N N   . GLU A 1 68  ? -3.049  -7.787  1.632   1.00 19.49 ? 68  GLU A N   1 
ATOM   469 C CA  . GLU A 1 68  ? -4.102  -8.793  1.762   1.00 20.70 ? 68  GLU A CA  1 
ATOM   470 C C   . GLU A 1 68  ? -3.743  -9.808  2.838   1.00 21.16 ? 68  GLU A C   1 
ATOM   471 O O   . GLU A 1 68  ? -4.607  -10.225 3.617   1.00 21.30 ? 68  GLU A O   1 
ATOM   472 C CB  . GLU A 1 68  ? -4.327  -9.499  0.432   1.00 20.68 ? 68  GLU A CB  1 
ATOM   473 C CG  . GLU A 1 68  ? -5.064  -8.643  -0.594  1.00 20.89 ? 68  GLU A CG  1 
ATOM   474 C CD  . GLU A 1 68  ? -5.214  -9.327  -1.941  1.00 22.56 ? 68  GLU A CD  1 
ATOM   475 O OE1 . GLU A 1 68  ? -4.241  -9.961  -2.407  1.00 26.70 ? 68  GLU A OE1 1 
ATOM   476 O OE2 . GLU A 1 68  ? -6.296  -9.219  -2.540  1.00 23.02 ? 68  GLU A OE2 1 
ATOM   477 N N   . GLU A 1 69  ? -2.468  -10.201 2.869   1.00 21.33 ? 69  GLU A N   1 
ATOM   478 C CA  . GLU A 1 69  ? -1.980  -11.189 3.839   1.00 22.30 ? 69  GLU A CA  1 
ATOM   479 C C   . GLU A 1 69  ? -2.065  -10.687 5.274   1.00 22.59 ? 69  GLU A C   1 
ATOM   480 O O   . GLU A 1 69  ? -2.526  -11.403 6.168   1.00 23.81 ? 69  GLU A O   1 
ATOM   481 C CB  . GLU A 1 69  ? -0.540  -11.603 3.502   1.00 22.03 ? 69  GLU A CB  1 
ATOM   482 C CG  . GLU A 1 69  ? -0.438  -12.508 2.285   1.00 22.78 ? 69  GLU A CG  1 
ATOM   483 C CD  . GLU A 1 69  ? 0.995   -12.716 1.805   1.00 23.44 ? 69  GLU A CD  1 
ATOM   484 O OE1 . GLU A 1 69  ? 1.928   -12.082 2.347   1.00 23.52 ? 69  GLU A OE1 1 
ATOM   485 O OE2 . GLU A 1 69  ? 1.175   -13.523 0.875   1.00 26.19 ? 69  GLU A OE2 1 
ATOM   486 N N   . ILE A 1 70  ? -1.623  -9.452  5.489   1.00 22.13 ? 70  ILE A N   1 
ATOM   487 C CA  . ILE A 1 70  ? -1.496  -8.900  6.827   1.00 22.84 ? 70  ILE A CA  1 
ATOM   488 C C   . ILE A 1 70  ? -2.858  -8.493  7.397   1.00 22.32 ? 70  ILE A C   1 
ATOM   489 O O   . ILE A 1 70  ? -3.120  -8.695  8.583   1.00 22.78 ? 70  ILE A O   1 
ATOM   490 C CB  . ILE A 1 70  ? -0.478  -7.733  6.850   1.00 23.09 ? 70  ILE A CB  1 
ATOM   491 C CG1 . ILE A 1 70  ? 0.949   -8.302  6.705   1.00 24.24 ? 70  ILE A CG1 1 
ATOM   492 C CG2 . ILE A 1 70  ? -0.628  -6.902  8.114   1.00 23.33 ? 70  ILE A CG2 1 
ATOM   493 C CD1 . ILE A 1 70  ? 2.032   -7.292  6.354   1.00 24.55 ? 70  ILE A CD1 1 
ATOM   494 N N   . PHE A 1 71  ? -3.724  -7.944  6.549   1.00 21.84 ? 71  PHE A N   1 
ATOM   495 C CA  . PHE A 1 71  ? -4.987  -7.367  7.028   1.00 21.70 ? 71  PHE A CA  1 
ATOM   496 C C   . PHE A 1 71  ? -6.230  -8.208  6.763   1.00 22.53 ? 71  PHE A C   1 
ATOM   497 O O   . PHE A 1 71  ? -7.326  -7.826  7.180   1.00 22.68 ? 71  PHE A O   1 
ATOM   498 C CB  . PHE A 1 71  ? -5.185  -5.941  6.478   1.00 21.18 ? 71  PHE A CB  1 
ATOM   499 C CG  . PHE A 1 71  ? -4.201  -4.949  7.026   1.00 20.44 ? 71  PHE A CG  1 
ATOM   500 C CD1 . PHE A 1 71  ? -4.345  -4.439  8.322   1.00 21.16 ? 71  PHE A CD1 1 
ATOM   501 C CD2 . PHE A 1 71  ? -3.109  -4.541  6.266   1.00 20.32 ? 71  PHE A CD2 1 
ATOM   502 C CE1 . PHE A 1 71  ? -3.420  -3.539  8.839   1.00 22.87 ? 71  PHE A CE1 1 
ATOM   503 C CE2 . PHE A 1 71  ? -2.185  -3.635  6.780   1.00 22.17 ? 71  PHE A CE2 1 
ATOM   504 C CZ  . PHE A 1 71  ? -2.342  -3.135  8.063   1.00 21.54 ? 71  PHE A CZ  1 
ATOM   505 N N   . ASP A 1 72  ? -6.050  -9.337  6.076   1.00 22.54 ? 72  ASP A N   1 
ATOM   506 C CA  A ASP A 1 72  ? -7.158  -10.243 5.762   0.50 22.99 ? 72  ASP A CA  1 
ATOM   507 C CA  B ASP A 1 72  ? -7.146  -10.246 5.738   0.50 23.09 ? 72  ASP A CA  1 
ATOM   508 C C   . ASP A 1 72  ? -8.280  -9.517  5.020   1.00 23.20 ? 72  ASP A C   1 
ATOM   509 O O   . ASP A 1 72  ? -9.442  -9.517  5.457   1.00 22.92 ? 72  ASP A O   1 
ATOM   510 C CB  A ASP A 1 72  ? -7.693  -10.918 7.035   0.50 23.42 ? 72  ASP A CB  1 
ATOM   511 C CB  B ASP A 1 72  ? -7.651  -10.999 6.975   0.50 23.63 ? 72  ASP A CB  1 
ATOM   512 C CG  A ASP A 1 72  ? -6.675  -11.836 7.694   0.50 24.23 ? 72  ASP A CG  1 
ATOM   513 C CG  B ASP A 1 72  ? -8.553  -12.171 6.618   0.50 24.84 ? 72  ASP A CG  1 
ATOM   514 O OD1 A ASP A 1 72  ? -5.757  -12.331 7.003   0.50 26.32 ? 72  ASP A OD1 1 
ATOM   515 O OD1 B ASP A 1 72  ? -8.484  -12.654 5.467   0.50 26.98 ? 72  ASP A OD1 1 
ATOM   516 O OD2 A ASP A 1 72  ? -6.796  -12.060 8.916   0.50 26.55 ? 72  ASP A OD2 1 
ATOM   517 O OD2 B ASP A 1 72  ? -9.327  -12.609 7.494   0.50 27.79 ? 72  ASP A OD2 1 
ATOM   518 N N   . VAL A 1 73  ? -7.914  -8.869  3.917   1.00 22.57 ? 73  VAL A N   1 
ATOM   519 C CA  . VAL A 1 73  ? -8.881  -8.260  3.007   1.00 22.53 ? 73  VAL A CA  1 
ATOM   520 C C   . VAL A 1 73  ? -8.629  -8.808  1.609   1.00 22.73 ? 73  VAL A C   1 
ATOM   521 O O   . VAL A 1 73  ? -7.537  -9.305  1.330   1.00 22.78 ? 73  VAL A O   1 
ATOM   522 C CB  . VAL A 1 73  ? -8.806  -6.710  2.998   1.00 22.54 ? 73  VAL A CB  1 
ATOM   523 C CG1 . VAL A 1 73  ? -9.163  -6.154  4.367   1.00 21.81 ? 73  VAL A CG1 1 
ATOM   524 C CG2 . VAL A 1 73  ? -7.435  -6.214  2.532   1.00 22.48 ? 73  VAL A CG2 1 
ATOM   525 N N   . THR A 1 74  ? -9.647  -8.733  0.754   1.00 22.75 ? 74  THR A N   1 
ATOM   526 C CA  . THR A 1 74  ? -9.519  -9.096  -0.655  1.00 23.18 ? 74  THR A CA  1 
ATOM   527 C C   . THR A 1 74  ? -9.600  -7.826  -1.484  1.00 22.88 ? 74  THR A C   1 
ATOM   528 O O   . THR A 1 74  ? -10.583 -7.084  -1.397  1.00 22.67 ? 74  THR A O   1 
ATOM   529 C CB  . THR A 1 74  ? -10.633 -10.066 -1.106  1.00 23.62 ? 74  THR A CB  1 
ATOM   530 O OG1 . THR A 1 74  ? -10.551 -11.262 -0.326  1.00 25.83 ? 74  THR A OG1 1 
ATOM   531 C CG2 . THR A 1 74  ? -10.481 -10.417 -2.577  1.00 24.60 ? 74  THR A CG2 1 
ATOM   532 N N   . VAL A 1 75  ? -8.560  -7.589  -2.278  1.00 22.64 ? 75  VAL A N   1 
ATOM   533 C CA  . VAL A 1 75  ? -8.533  -6.451  -3.184  1.00 22.43 ? 75  VAL A CA  1 
ATOM   534 C C   . VAL A 1 75  ? -8.805  -6.969  -4.597  1.00 23.19 ? 75  VAL A C   1 
ATOM   535 O O   . VAL A 1 75  ? -7.967  -7.669  -5.164  1.00 23.15 ? 75  VAL A O   1 
ATOM   536 C CB  . VAL A 1 75  ? -7.173  -5.719  -3.136  1.00 22.17 ? 75  VAL A CB  1 
ATOM   537 C CG1 . VAL A 1 75  ? -7.193  -4.482  -4.031  1.00 23.05 ? 75  VAL A CG1 1 
ATOM   538 C CG2 . VAL A 1 75  ? -6.820  -5.344  -1.695  1.00 21.98 ? 75  VAL A CG2 1 
ATOM   539 N N   . PRO A 1 76  ? -9.979  -6.637  -5.158  1.00 23.70 ? 76  PRO A N   1 
ATOM   540 C CA  . PRO A 1 76  ? -10.269 -6.980  -6.559  1.00 24.27 ? 76  PRO A CA  1 
ATOM   541 C C   . PRO A 1 76  ? -9.283  -6.332  -7.531  1.00 25.25 ? 76  PRO A C   1 
ATOM   542 O O   . PRO A 1 76  ? -8.753  -5.254  -7.254  1.00 24.77 ? 76  PRO A O   1 
ATOM   543 C CB  . PRO A 1 76  ? -11.672 -6.414  -6.784  1.00 24.54 ? 76  PRO A CB  1 
ATOM   544 C CG  . PRO A 1 76  ? -12.252 -6.229  -5.419  1.00 24.69 ? 76  PRO A CG  1 
ATOM   545 C CD  . PRO A 1 76  ? -11.109 -5.947  -4.510  1.00 23.82 ? 76  PRO A CD  1 
ATOM   546 N N   . ASP A 1 77  ? -9.049  -6.980  -8.669  1.00 26.20 ? 77  ASP A N   1 
ATOM   547 C CA  . ASP A 1 77  ? -8.097  -6.469  -9.655  1.00 27.22 ? 77  ASP A CA  1 
ATOM   548 C C   . ASP A 1 77  ? -8.441  -5.044  -10.087 1.00 26.89 ? 77  ASP A C   1 
ATOM   549 O O   . ASP A 1 77  ? -7.547  -4.211  -10.271 1.00 27.57 ? 77  ASP A O   1 
ATOM   550 C CB  . ASP A 1 77  ? -8.044  -7.389  -10.883 1.00 28.22 ? 77  ASP A CB  1 
ATOM   551 C CG  . ASP A 1 77  ? -7.328  -8.707  -10.611 1.00 30.49 ? 77  ASP A CG  1 
ATOM   552 O OD1 . ASP A 1 77  ? -6.591  -8.821  -9.607  1.00 32.39 ? 77  ASP A OD1 1 
ATOM   553 O OD2 . ASP A 1 77  ? -7.495  -9.640  -11.426 1.00 34.27 ? 77  ASP A OD2 1 
ATOM   554 N N   . GLU A 1 78  ? -9.735  -4.773  -10.239 1.00 26.65 ? 78  GLU A N   1 
ATOM   555 C CA  . GLU A 1 78  ? -10.241 -3.461  -10.670 1.00 26.62 ? 78  GLU A CA  1 
ATOM   556 C C   . GLU A 1 78  ? -9.824  -2.358  -9.696  1.00 25.38 ? 78  GLU A C   1 
ATOM   557 O O   . GLU A 1 78  ? -9.526  -1.234  -10.099 1.00 25.51 ? 78  GLU A O   1 
ATOM   558 C CB  . GLU A 1 78  ? -11.769 -3.480  -10.792 1.00 27.38 ? 78  GLU A CB  1 
ATOM   559 C CG  . GLU A 1 78  ? -12.359 -4.713  -11.490 1.00 30.67 ? 78  GLU A CG  1 
ATOM   560 C CD  . GLU A 1 78  ? -12.533 -5.898  -10.549 1.00 32.88 ? 78  GLU A CD  1 
ATOM   561 O OE1 . GLU A 1 78  ? -13.562 -5.957  -9.837  1.00 36.21 ? 78  GLU A OE1 1 
ATOM   562 O OE2 . GLU A 1 78  ? -11.643 -6.781  -10.532 1.00 34.53 ? 78  GLU A OE2 1 
ATOM   563 N N   . VAL A 1 79  ? -9.813  -2.695  -8.409  1.00 24.01 ? 79  VAL A N   1 
ATOM   564 C CA  . VAL A 1 79  ? -9.371  -1.758  -7.374  1.00 22.73 ? 79  VAL A CA  1 
ATOM   565 C C   . VAL A 1 79  ? -7.844  -1.615  -7.403  1.00 22.51 ? 79  VAL A C   1 
ATOM   566 O O   . VAL A 1 79  ? -7.319  -0.495  -7.490  1.00 22.22 ? 79  VAL A O   1 
ATOM   567 C CB  . VAL A 1 79  ? -9.859  -2.207  -5.965  1.00 22.55 ? 79  VAL A CB  1 
ATOM   568 C CG1 . VAL A 1 79  ? -9.220  -1.371  -4.879  1.00 21.33 ? 79  VAL A CG1 1 
ATOM   569 C CG2 . VAL A 1 79  ? -11.363 -2.132  -5.875  1.00 21.73 ? 79  VAL A CG2 1 
ATOM   570 N N   . ALA A 1 80  ? -7.138  -2.746  -7.343  1.00 22.62 ? 80  ALA A N   1 
ATOM   571 C CA  . ALA A 1 80  ? -5.673  -2.752  -7.338  1.00 23.04 ? 80  ALA A CA  1 
ATOM   572 C C   . ALA A 1 80  ? -5.088  -2.011  -8.545  1.00 23.11 ? 80  ALA A C   1 
ATOM   573 O O   . ALA A 1 80  ? -4.116  -1.268  -8.417  1.00 23.87 ? 80  ALA A O   1 
ATOM   574 C CB  . ALA A 1 80  ? -5.151  -4.186  -7.270  1.00 23.18 ? 80  ALA A CB  1 
ATOM   575 N N   . ASP A 1 81  ? -5.707  -2.199  -9.711  1.00 23.31 ? 81  ASP A N   1 
ATOM   576 C CA  . ASP A 1 81  ? -5.231  -1.569  -10.938 1.00 23.64 ? 81  ASP A CA  1 
ATOM   577 C C   . ASP A 1 81  ? -5.371  -0.055  -10.913 1.00 23.35 ? 81  ASP A C   1 
ATOM   578 O O   . ASP A 1 81  ? -4.747  0.633   -11.722 1.00 24.15 ? 81  ASP A O   1 
ATOM   579 C CB  . ASP A 1 81  ? -5.958  -2.139  -12.154 1.00 24.44 ? 81  ASP A CB  1 
ATOM   580 C CG  . ASP A 1 81  ? -5.605  -3.592  -12.410 1.00 27.01 ? 81  ASP A CG  1 
ATOM   581 O OD1 . ASP A 1 81  ? -4.570  -4.070  -11.893 1.00 30.63 ? 81  ASP A OD1 1 
ATOM   582 O OD2 . ASP A 1 81  ? -6.370  -4.259  -13.136 1.00 31.15 ? 81  ASP A OD2 1 
ATOM   583 N N   . ASN A 1 82  ? -6.174  0.458   -9.980  1.00 22.14 ? 82  ASN A N   1 
ATOM   584 C CA  . ASN A 1 82  ? -6.391  1.901   -9.890  1.00 21.57 ? 82  ASN A CA  1 
ATOM   585 C C   . ASN A 1 82  ? -5.762  2.587   -8.671  1.00 20.66 ? 82  ASN A C   1 
ATOM   586 O O   . ASN A 1 82  ? -5.931  3.793   -8.481  1.00 21.05 ? 82  ASN A O   1 
ATOM   587 C CB  . ASN A 1 82  ? -7.886  2.214   -9.981  1.00 22.22 ? 82  ASN A CB  1 
ATOM   588 C CG  . ASN A 1 82  ? -8.412  2.103   -11.399 1.00 23.43 ? 82  ASN A CG  1 
ATOM   589 O OD1 . ASN A 1 82  ? -8.229  3.011   -12.217 1.00 26.61 ? 82  ASN A OD1 1 
ATOM   590 N ND2 . ASN A 1 82  ? -9.064  0.988   -11.698 1.00 25.36 ? 82  ASN A ND2 1 
ATOM   591 N N   . PHE A 1 83  ? -5.026  1.831   -7.858  1.00 19.48 ? 83  PHE A N   1 
ATOM   592 C CA  . PHE A 1 83  ? -4.307  2.427   -6.726  1.00 18.93 ? 83  PHE A CA  1 
ATOM   593 C C   . PHE A 1 83  ? -3.154  3.288   -7.232  1.00 18.83 ? 83  PHE A C   1 
ATOM   594 O O   . PHE A 1 83  ? -2.367  2.841   -8.085  1.00 20.14 ? 83  PHE A O   1 
ATOM   595 C CB  . PHE A 1 83  ? -3.699  1.353   -5.824  1.00 18.46 ? 83  PHE A CB  1 
ATOM   596 C CG  . PHE A 1 83  ? -4.673  0.701   -4.864  1.00 17.42 ? 83  PHE A CG  1 
ATOM   597 C CD1 . PHE A 1 83  ? -5.743  1.403   -4.294  1.00 17.41 ? 83  PHE A CD1 1 
ATOM   598 C CD2 . PHE A 1 83  ? -4.478  -0.628  -4.500  1.00 15.97 ? 83  PHE A CD2 1 
ATOM   599 C CE1 . PHE A 1 83  ? -6.615  0.774   -3.405  1.00 17.27 ? 83  PHE A CE1 1 
ATOM   600 C CE2 . PHE A 1 83  ? -5.336  -1.265  -3.604  1.00 16.03 ? 83  PHE A CE2 1 
ATOM   601 C CZ  . PHE A 1 83  ? -6.402  -0.568  -3.046  1.00 17.59 ? 83  PHE A CZ  1 
ATOM   602 N N   . GLN A 1 84  ? -3.030  4.496   -6.682  1.00 18.42 ? 84  GLN A N   1 
ATOM   603 C CA  . GLN A 1 84  ? -1.902  5.374   -6.990  1.00 18.48 ? 84  GLN A CA  1 
ATOM   604 C C   . GLN A 1 84  ? -1.105  5.812   -5.761  1.00 18.13 ? 84  GLN A C   1 
ATOM   605 O O   . GLN A 1 84  ? 0.065   6.190   -5.883  1.00 18.36 ? 84  GLN A O   1 
ATOM   606 C CB  . GLN A 1 84  ? -2.358  6.603   -7.770  1.00 18.74 ? 84  GLN A CB  1 
ATOM   607 C CG  . GLN A 1 84  ? -2.900  6.287   -9.142  1.00 21.90 ? 84  GLN A CG  1 
ATOM   608 C CD  . GLN A 1 84  ? -3.341  7.537   -9.851  1.00 26.44 ? 84  GLN A CD  1 
ATOM   609 O OE1 . GLN A 1 84  ? -4.449  8.039   -9.628  1.00 28.65 ? 84  GLN A OE1 1 
ATOM   610 N NE2 . GLN A 1 84  ? -2.469  8.067   -10.706 1.00 28.60 ? 84  GLN A NE2 1 
ATOM   611 N N   . THR A 1 85  ? -1.736  5.767   -4.584  1.00 17.32 ? 85  THR A N   1 
ATOM   612 C CA  . THR A 1 85  ? -1.085  6.206   -3.339  1.00 16.99 ? 85  THR A CA  1 
ATOM   613 C C   . THR A 1 85  ? -1.343  5.238   -2.190  1.00 16.25 ? 85  THR A C   1 
ATOM   614 O O   . THR A 1 85  ? -2.305  4.444   -2.222  1.00 16.61 ? 85  THR A O   1 
ATOM   615 C CB  . THR A 1 85  ? -1.590  7.594   -2.864  1.00 17.15 ? 85  THR A CB  1 
ATOM   616 O OG1 . THR A 1 85  ? -2.936  7.478   -2.363  1.00 17.54 ? 85  THR A OG1 1 
ATOM   617 C CG2 . THR A 1 85  ? -1.516  8.633   -3.990  1.00 18.19 ? 85  THR A CG2 1 
ATOM   618 N N   . LEU A 1 86  ? -0.488  5.302   -1.172  1.00 15.66 ? 86  LEU A N   1 
ATOM   619 C CA  . LEU A 1 86  ? -0.691  4.474   0.022   1.00 15.53 ? 86  LEU A CA  1 
ATOM   620 C C   . LEU A 1 86  ? -1.946  4.868   0.797   1.00 15.16 ? 86  LEU A C   1 
ATOM   621 O O   . LEU A 1 86  ? -2.580  4.012   1.408   1.00 15.74 ? 86  LEU A O   1 
ATOM   622 C CB  . LEU A 1 86  ? 0.504   4.557   0.965   1.00 15.89 ? 86  LEU A CB  1 
ATOM   623 C CG  . LEU A 1 86  ? 1.816   4.011   0.415   1.00 15.58 ? 86  LEU A CG  1 
ATOM   624 C CD1 . LEU A 1 86  ? 2.867   4.310   1.441   1.00 15.83 ? 86  LEU A CD1 1 
ATOM   625 C CD2 . LEU A 1 86  ? 1.718   2.499   0.103   1.00 15.79 ? 86  LEU A CD2 1 
ATOM   626 N N   . GLN A 1 87  ? -2.307  6.153   0.784   1.00 15.54 ? 87  GLN A N   1 
ATOM   627 C CA  . GLN A 1 87  ? -3.523  6.556   1.475   1.00 16.33 ? 87  GLN A CA  1 
ATOM   628 C C   . GLN A 1 87  ? -4.730  5.812   0.919   1.00 15.78 ? 87  GLN A C   1 
ATOM   629 O O   . GLN A 1 87  ? -5.615  5.401   1.679   1.00 16.28 ? 87  GLN A O   1 
ATOM   630 C CB  . GLN A 1 87  ? -3.767  8.063   1.388   1.00 16.42 ? 87  GLN A CB  1 
ATOM   631 C CG  . GLN A 1 87  ? -4.893  8.509   2.298   1.00 20.27 ? 87  GLN A CG  1 
ATOM   632 C CD  . GLN A 1 87  ? -4.525  8.346   3.750   1.00 24.22 ? 87  GLN A CD  1 
ATOM   633 O OE1 . GLN A 1 87  ? -3.688  9.091   4.274   1.00 26.85 ? 87  GLN A OE1 1 
ATOM   634 N NE2 . GLN A 1 87  ? -5.120  7.346   4.410   1.00 25.63 ? 87  GLN A NE2 1 
ATOM   635 N N   . GLU A 1 88  ? -4.772  5.639   -0.399  1.00 16.09 ? 88  GLU A N   1 
ATOM   636 C CA  . GLU A 1 88  ? -5.878  4.911   -1.025  1.00 15.70 ? 88  GLU A CA  1 
ATOM   637 C C   . GLU A 1 88  ? -5.935  3.459   -0.551  1.00 15.71 ? 88  GLU A C   1 
ATOM   638 O O   . GLU A 1 88  ? -7.013  2.907   -0.318  1.00 15.35 ? 88  GLU A O   1 
ATOM   639 C CB  . GLU A 1 88  ? -5.727  4.955   -2.541  1.00 16.32 ? 88  GLU A CB  1 
ATOM   640 C CG  . GLU A 1 88  ? -5.996  6.343   -3.129  1.00 16.94 ? 88  GLU A CG  1 
ATOM   641 C CD  . GLU A 1 88  ? -5.606  6.437   -4.590  1.00 19.24 ? 88  GLU A CD  1 
ATOM   642 O OE1 . GLU A 1 88  ? -4.819  5.588   -5.046  1.00 19.29 ? 88  GLU A OE1 1 
ATOM   643 O OE2 . GLU A 1 88  ? -6.074  7.369   -5.285  1.00 22.81 ? 88  GLU A OE2 1 
ATOM   644 N N   . ILE A 1 89  ? -4.759  2.844   -0.422  1.00 15.80 ? 89  ILE A N   1 
ATOM   645 C CA  . ILE A 1 89  ? -4.686  1.456   0.011   1.00 15.99 ? 89  ILE A CA  1 
ATOM   646 C C   . ILE A 1 89  ? -5.164  1.335   1.458   1.00 16.18 ? 89  ILE A C   1 
ATOM   647 O O   . ILE A 1 89  ? -6.008  0.471   1.769   1.00 16.77 ? 89  ILE A O   1 
ATOM   648 C CB  . ILE A 1 89  ? -3.283  0.860   -0.181  1.00 15.75 ? 89  ILE A CB  1 
ATOM   649 C CG1 . ILE A 1 89  ? -2.882  0.980   -1.657  1.00 17.11 ? 89  ILE A CG1 1 
ATOM   650 C CG2 . ILE A 1 89  ? -3.283  -0.624  0.251   1.00 15.74 ? 89  ILE A CG2 1 
ATOM   651 C CD1 . ILE A 1 89  ? -1.505  0.416   -2.003  1.00 16.83 ? 89  ILE A CD1 1 
ATOM   652 N N   . ALA A 1 90  ? -4.635  2.199   2.331   1.00 15.71 ? 90  ALA A N   1 
ATOM   653 C CA  . ALA A 1 90  ? -5.065  2.233   3.736   1.00 15.94 ? 90  ALA A CA  1 
ATOM   654 C C   . ALA A 1 90  ? -6.577  2.449   3.845   1.00 16.14 ? 90  ALA A C   1 
ATOM   655 O O   . ALA A 1 90  ? -7.263  1.759   4.599   1.00 16.63 ? 90  ALA A O   1 
ATOM   656 C CB  . ALA A 1 90  ? -4.314  3.302   4.502   1.00 16.61 ? 90  ALA A CB  1 
ATOM   657 N N   . ASP A 1 91  ? -7.093  3.401   3.068   1.00 16.37 ? 91  ASP A N   1 
ATOM   658 C CA  . ASP A 1 91  ? -8.528  3.664   3.055   1.00 17.09 ? 91  ASP A CA  1 
ATOM   659 C C   . ASP A 1 91  ? -9.329  2.413   2.665   1.00 16.76 ? 91  ASP A C   1 
ATOM   660 O O   . ASP A 1 91  ? -10.389 2.135   3.246   1.00 17.08 ? 91  ASP A O   1 
ATOM   661 C CB  . ASP A 1 91  ? -8.860  4.811   2.098   1.00 17.43 ? 91  ASP A CB  1 
ATOM   662 C CG  . ASP A 1 91  ? -8.398  6.181   2.604   1.00 20.23 ? 91  ASP A CG  1 
ATOM   663 O OD1 . ASP A 1 91  ? -7.961  6.327   3.757   1.00 23.95 ? 91  ASP A OD1 1 
ATOM   664 O OD2 . ASP A 1 91  ? -8.469  7.140   1.804   1.00 24.11 ? 91  ASP A OD2 1 
ATOM   665 N N   . PHE A 1 92  ? -8.841  1.672   1.665   1.00 15.97 ? 92  PHE A N   1 
ATOM   666 C CA  . PHE A 1 92  ? -9.555  0.477   1.215   1.00 16.51 ? 92  PHE A CA  1 
ATOM   667 C C   . PHE A 1 92  ? -9.554  -0.589  2.313   1.00 16.15 ? 92  PHE A C   1 
ATOM   668 O O   . PHE A 1 92  ? -10.575 -1.248  2.572   1.00 16.32 ? 92  PHE A O   1 
ATOM   669 C CB  . PHE A 1 92  ? -8.948  -0.089  -0.065  1.00 16.74 ? 92  PHE A CB  1 
ATOM   670 C CG  . PHE A 1 92  ? -9.744  -1.223  -0.633  1.00 17.04 ? 92  PHE A CG  1 
ATOM   671 C CD1 . PHE A 1 92  ? -10.934 -0.979  -1.305  1.00 18.74 ? 92  PHE A CD1 1 
ATOM   672 C CD2 . PHE A 1 92  ? -9.338  -2.549  -0.442  1.00 18.31 ? 92  PHE A CD2 1 
ATOM   673 C CE1 . PHE A 1 92  ? -11.699 -2.036  -1.823  1.00 18.89 ? 92  PHE A CE1 1 
ATOM   674 C CE2 . PHE A 1 92  ? -10.092 -3.608  -0.958  1.00 18.35 ? 92  PHE A CE2 1 
ATOM   675 C CZ  . PHE A 1 92  ? -11.271 -3.352  -1.639  1.00 17.81 ? 92  PHE A CZ  1 
ATOM   676 N N   . VAL A 1 93  ? -8.412  -0.745  2.975   1.00 16.13 ? 93  VAL A N   1 
ATOM   677 C CA  . VAL A 1 93  ? -8.305  -1.733  4.052   1.00 16.38 ? 93  VAL A CA  1 
ATOM   678 C C   . VAL A 1 93  ? -9.318  -1.404  5.146   1.00 16.66 ? 93  VAL A C   1 
ATOM   679 O O   . VAL A 1 93  ? -10.094 -2.271  5.572   1.00 17.01 ? 93  VAL A O   1 
ATOM   680 C CB  . VAL A 1 93  ? -6.881  -1.790  4.634   1.00 17.07 ? 93  VAL A CB  1 
ATOM   681 C CG1 . VAL A 1 93  ? -6.865  -2.576  5.939   1.00 17.70 ? 93  VAL A CG1 1 
ATOM   682 C CG2 . VAL A 1 93  ? -5.930  -2.412  3.627   1.00 17.37 ? 93  VAL A CG2 1 
ATOM   683 N N   . VAL A 1 94  ? -9.321  -0.152  5.593   1.00 16.50 ? 94  VAL A N   1 
ATOM   684 C CA  . VAL A 1 94  ? -10.210 0.245   6.681   1.00 16.81 ? 94  VAL A CA  1 
ATOM   685 C C   . VAL A 1 94  ? -11.669 0.058   6.264   1.00 17.53 ? 94  VAL A C   1 
ATOM   686 O O   . VAL A 1 94  ? -12.465 -0.498  7.024   1.00 18.02 ? 94  VAL A O   1 
ATOM   687 C CB  . VAL A 1 94  ? -9.905  1.670   7.160   1.00 16.83 ? 94  VAL A CB  1 
ATOM   688 C CG1 . VAL A 1 94  ? -11.041 2.207   8.058   1.00 17.37 ? 94  VAL A CG1 1 
ATOM   689 C CG2 . VAL A 1 94  ? -8.567  1.669   7.894   1.00 16.18 ? 94  VAL A CG2 1 
ATOM   690 N N   . SER A 1 95  ? -11.998 0.486   5.044   1.00 17.79 ? 95  SER A N   1 
ATOM   691 C CA  A SER A 1 95  ? -13.371 0.366   4.547   0.50 18.56 ? 95  SER A CA  1 
ATOM   692 C CA  B SER A 1 95  ? -13.358 0.362   4.517   0.50 18.64 ? 95  SER A CA  1 
ATOM   693 C C   . SER A 1 95  ? -13.827 -1.093  4.527   1.00 18.44 ? 95  SER A C   1 
ATOM   694 O O   . SER A 1 95  ? -14.950 -1.396  4.949   1.00 19.46 ? 95  SER A O   1 
ATOM   695 C CB  A SER A 1 95  ? -13.527 1.019   3.170   0.50 18.58 ? 95  SER A CB  1 
ATOM   696 C CB  B SER A 1 95  ? -13.434 0.958   3.109   0.50 18.56 ? 95  SER A CB  1 
ATOM   697 O OG  A SER A 1 95  ? -12.796 0.328   2.182   0.50 19.54 ? 95  SER A OG  1 
ATOM   698 O OG  B SER A 1 95  ? -13.185 2.356   3.155   0.50 20.33 ? 95  SER A OG  1 
ATOM   699 N N   . GLU A 1 96  ? -12.956 -1.996  4.089   1.00 18.84 ? 96  GLU A N   1 
ATOM   700 C CA  . GLU A 1 96  ? -13.327 -3.413  4.032   1.00 18.90 ? 96  GLU A CA  1 
ATOM   701 C C   . GLU A 1 96  ? -13.514 -3.984  5.427   1.00 18.72 ? 96  GLU A C   1 
ATOM   702 O O   . GLU A 1 96  ? -14.481 -4.702  5.695   1.00 19.26 ? 96  GLU A O   1 
ATOM   703 C CB  . GLU A 1 96  ? -12.304 -4.222  3.247   1.00 19.29 ? 96  GLU A CB  1 
ATOM   704 C CG  . GLU A 1 96  ? -12.366 -3.960  1.743   1.00 20.69 ? 96  GLU A CG  1 
ATOM   705 C CD  . GLU A 1 96  ? -13.675 -4.425  1.121   1.00 23.18 ? 96  GLU A CD  1 
ATOM   706 O OE1 . GLU A 1 96  ? -13.925 -5.654  1.080   1.00 25.51 ? 96  GLU A OE1 1 
ATOM   707 O OE2 . GLU A 1 96  ? -14.457 -3.562  0.680   1.00 25.52 ? 96  GLU A OE2 1 
ATOM   708 N N   . ARG A 1 97  ? -12.591 -3.659  6.323   1.00 18.25 ? 97  ARG A N   1 
ATOM   709 C CA  . ARG A 1 97  ? -12.660 -4.203  7.673   1.00 18.39 ? 97  ARG A CA  1 
ATOM   710 C C   . ARG A 1 97  ? -13.833 -3.610  8.456   1.00 18.45 ? 97  ARG A C   1 
ATOM   711 O O   . ARG A 1 97  ? -14.384 -4.270  9.336   1.00 19.07 ? 97  ARG A O   1 
ATOM   712 C CB  . ARG A 1 97  ? -11.342 -3.982  8.417   1.00 18.68 ? 97  ARG A CB  1 
ATOM   713 C CG  . ARG A 1 97  ? -10.159 -4.746  7.814   1.00 18.79 ? 97  ARG A CG  1 
ATOM   714 C CD  . ARG A 1 97  ? -10.415 -6.255  7.688   1.00 20.44 ? 97  ARG A CD  1 
ATOM   715 N NE  . ARG A 1 97  ? -10.661 -6.887  8.983   1.00 21.27 ? 97  ARG A NE  1 
ATOM   716 C CZ  . ARG A 1 97  ? -10.754 -8.199  9.175   1.00 25.82 ? 97  ARG A CZ  1 
ATOM   717 N NH1 . ARG A 1 97  ? -10.602 -9.043  8.156   1.00 25.54 ? 97  ARG A NH1 1 
ATOM   718 N NH2 . ARG A 1 97  ? -10.978 -8.671  10.394  1.00 26.55 ? 97  ARG A NH2 1 
ATOM   719 N N   . ALA A 1 98  ? -14.216 -2.378  8.125   1.00 17.97 ? 98  ALA A N   1 
ATOM   720 C CA  . ALA A 1 98  ? -15.273 -1.675  8.849   1.00 18.40 ? 98  ALA A CA  1 
ATOM   721 C C   . ALA A 1 98  ? -16.672 -2.120  8.440   1.00 18.94 ? 98  ALA A C   1 
ATOM   722 O O   . ALA A 1 98  ? -17.638 -1.843  9.148   1.00 19.21 ? 98  ALA A O   1 
ATOM   723 C CB  . ALA A 1 98  ? -15.144 -0.164  8.651   1.00 18.52 ? 98  ALA A CB  1 
ATOM   724 N N   . LYS A 1 99  ? -16.785 -2.770  7.282   1.00 19.97 ? 99  LYS A N   1 
ATOM   725 C CA  . LYS A 1 99  ? -18.100 -3.127  6.749   1.00 20.48 ? 99  LYS A CA  1 
ATOM   726 C C   . LYS A 1 99  ? -18.762 -4.185  7.607   1.00 21.56 ? 99  LYS A C   1 
ATOM   727 O O   . LYS A 1 99  ? -18.172 -5.239  7.838   1.00 22.74 ? 99  LYS A O   1 
ATOM   728 C CB  . LYS A 1 99  ? -17.975 -3.676  5.323   1.00 20.36 ? 99  LYS A CB  1 
ATOM   729 C CG  . LYS A 1 99  ? -17.903 -2.631  4.253   1.00 21.13 ? 99  LYS A CG  1 
ATOM   730 C CD  . LYS A 1 99  ? -17.635 -3.299  2.899   1.00 20.84 ? 99  LYS A CD  1 
ATOM   731 C CE  . LYS A 1 99  ? -17.387 -2.267  1.815   1.00 22.54 ? 99  LYS A CE  1 
ATOM   732 N NZ  . LYS A 1 99  ? -17.220 -2.940  0.485   1.00 21.85 ? 99  LYS A NZ  1 
ATOM   733 N N   . ALA A 1 100 ? -19.989 -3.919  8.050   1.00 22.74 ? 100 ALA A N   1 
ATOM   734 C CA  . ALA A 1 100 ? -20.777 -4.946  8.734   1.00 24.29 ? 100 ALA A CA  1 
ATOM   735 C C   . ALA A 1 100 ? -21.186 -6.022  7.729   1.00 25.86 ? 100 ALA A C   1 
ATOM   736 O O   . ALA A 1 100 ? -21.668 -5.702  6.640   1.00 26.10 ? 100 ALA A O   1 
ATOM   737 C CB  . ALA A 1 100 ? -22.005 -4.323  9.381   1.00 23.71 ? 100 ALA A CB  1 
ATOM   738 N N   . GLY A 1 101 ? -20.973 -7.290  8.091   1.00 27.45 ? 101 GLY A N   1 
ATOM   739 C CA  . GLY A 1 101 ? -21.299 -8.420  7.217   1.00 28.79 ? 101 GLY A CA  1 
ATOM   740 C C   . GLY A 1 101 ? -20.145 -8.802  6.308   1.00 29.70 ? 101 GLY A C   1 
ATOM   741 O O   . GLY A 1 101 ? -20.260 -9.727  5.496   1.00 30.88 ? 101 GLY A O   1 
HETATM 742 O O   . HOH B 2 .   ? 1.844   6.859   -1.230  1.00 17.28 ? 108 HOH A O   1 
HETATM 743 O O   . HOH B 2 .   ? 9.910   -8.289  -7.288  1.00 22.04 ? 109 HOH A O   1 
HETATM 744 O O   . HOH B 2 .   ? -10.708 4.938   11.154  1.00 21.30 ? 110 HOH A O   1 
HETATM 745 O O   . HOH B 2 .   ? -12.214 -7.896  2.011   1.00 30.08 ? 111 HOH A O   1 
HETATM 746 O O   . HOH B 2 .   ? 1.276   5.949   -8.624  1.00 25.78 ? 112 HOH A O   1 
HETATM 747 O O   . HOH B 2 .   ? -3.835  0.281   16.509  1.00 29.50 ? 113 HOH A O   1 
HETATM 748 O O   . HOH B 2 .   ? 7.055   -4.683  3.293   1.00 27.30 ? 114 HOH A O   1 
HETATM 749 O O   . HOH B 2 .   ? 3.352   7.489   8.742   1.00 23.56 ? 115 HOH A O   1 
HETATM 750 O O   . HOH B 2 .   ? -4.011  9.930   -1.792  1.00 29.60 ? 116 HOH A O   1 
HETATM 751 O O   . HOH B 2 .   ? -6.206  6.538   -7.987  1.00 23.00 ? 117 HOH A O   1 
HETATM 752 O O   . HOH B 2 .   ? 16.798  10.965  1.944   1.00 26.39 ? 118 HOH A O   1 
HETATM 753 O O   . HOH B 2 .   ? 9.794   -3.192  10.763  1.00 29.90 ? 119 HOH A O   1 
HETATM 754 O O   . HOH B 2 .   ? 4.537   -6.920  9.320   1.00 28.24 ? 120 HOH A O   1 
HETATM 755 O O   . HOH B 2 .   ? 3.830   -10.240 -2.625  1.00 29.36 ? 121 HOH A O   1 
HETATM 756 O O   . HOH B 2 .   ? 0.534   1.707   13.159  1.00 28.31 ? 122 HOH A O   1 
HETATM 757 O O   . HOH B 2 .   ? -16.470 -6.585  1.021   1.00 37.41 ? 123 HOH A O   1 
HETATM 758 O O   . HOH B 2 .   ? 2.536   -9.778  3.947   1.00 24.97 ? 124 HOH A O   1 
HETATM 759 O O   . HOH B 2 .   ? -5.882  -7.755  -6.882  1.00 34.17 ? 125 HOH A O   1 
HETATM 760 O O   . HOH B 2 .   ? 7.037   -8.291  -0.232  1.00 30.57 ? 126 HOH A O   1 
HETATM 761 O O   . HOH B 2 .   ? 9.809   0.250   7.411   1.00 38.22 ? 127 HOH A O   1 
HETATM 762 O O   . HOH B 2 .   ? 5.217   4.742   9.382   1.00 38.79 ? 128 HOH A O   1 
HETATM 763 O O   . HOH B 2 .   ? -0.575  -3.091  -10.645 1.00 39.22 ? 129 HOH A O   1 
HETATM 764 O O   . HOH B 2 .   ? -2.187  -8.405  -6.151  1.00 30.84 ? 130 HOH A O   1 
HETATM 765 O O   . HOH B 2 .   ? 12.660  10.898  -1.311  1.00 34.09 ? 131 HOH A O   1 
HETATM 766 O O   . HOH B 2 .   ? -10.374 -9.496  -9.114  1.00 35.77 ? 132 HOH A O   1 
HETATM 767 O O   . HOH B 2 .   ? -2.740  10.358  6.174   1.00 28.68 ? 133 HOH A O   1 
HETATM 768 O O   . HOH B 2 .   ? -6.973  -7.332  9.787   1.00 36.54 ? 134 HOH A O   1 
HETATM 769 O O   . HOH B 2 .   ? -7.584  7.177   13.259  1.00 34.02 ? 135 HOH A O   1 
HETATM 770 O O   . HOH B 2 .   ? -8.538  8.982   4.253   1.00 47.65 ? 136 HOH A O   1 
HETATM 771 O O   . HOH B 2 .   ? 7.079   8.592   -12.487 1.00 47.81 ? 137 HOH A O   1 
HETATM 772 O O   . HOH B 2 .   ? 0.175   7.590   -10.405 1.00 37.51 ? 138 HOH A O   1 
HETATM 773 O O   . HOH B 2 .   ? 4.977   -6.214  3.185   1.00 35.82 ? 139 HOH A O   1 
HETATM 774 O O   . HOH B 2 .   ? 14.212  0.159   2.736   1.00 41.18 ? 140 HOH A O   1 
HETATM 775 O O   . HOH B 2 .   ? 4.048   -0.157  -14.619 1.00 41.19 ? 141 HOH A O   1 
HETATM 776 O O   . HOH B 2 .   ? -13.299 -7.101  -1.260  1.00 37.27 ? 142 HOH A O   1 
HETATM 777 O O   . HOH B 2 .   ? -15.957 -6.549  7.413   1.00 35.26 ? 143 HOH A O   1 
HETATM 778 O O   . HOH B 2 .   ? 14.999  10.051  -4.552  1.00 34.63 ? 144 HOH A O   1 
HETATM 779 O O   . HOH B 2 .   ? -14.647 -0.807  0.436   1.00 33.55 ? 145 HOH A O   1 
HETATM 780 O O   . HOH B 2 .   ? -4.179  5.233   16.161  1.00 39.64 ? 146 HOH A O   1 
HETATM 781 O O   . HOH B 2 .   ? 12.933  3.555   -13.562 1.00 41.94 ? 147 HOH A O   1 
HETATM 782 O O   . HOH B 2 .   ? -6.860  5.345   -11.836 1.00 34.95 ? 148 HOH A O   1 
HETATM 783 O O   . HOH B 2 .   ? -0.044  1.541   -8.833  1.00 38.12 ? 149 HOH A O   1 
HETATM 784 O O   . HOH B 2 .   ? 5.536   -3.852  -13.882 1.00 27.17 ? 150 HOH A O   1 
HETATM 785 O O   . HOH B 2 .   ? -11.933 6.121   9.000   1.00 33.13 ? 151 HOH A O   1 
HETATM 786 O O   . HOH B 2 .   ? 6.952   -5.094  6.267   1.00 33.58 ? 152 HOH A O   1 
HETATM 787 O O   . HOH B 2 .   ? 0.234   12.941  2.930   1.00 36.50 ? 153 HOH A O   1 
HETATM 788 O O   . HOH B 2 .   ? 9.853   -1.204  -10.282 1.00 39.55 ? 154 HOH A O   1 
HETATM 789 O O   . HOH B 2 .   ? 4.845   -1.126  9.521   1.00 41.84 ? 155 HOH A O   1 
HETATM 790 O O   . HOH B 2 .   ? 3.509   1.648   12.171  1.00 35.12 ? 156 HOH A O   1 
HETATM 791 O O   . HOH B 2 .   ? -3.338  -6.909  -8.100  1.00 38.24 ? 157 HOH A O   1 
HETATM 792 O O   . HOH B 2 .   ? -13.470 1.732   -0.412  1.00 43.61 ? 158 HOH A O   1 
HETATM 793 O O   . HOH B 2 .   ? -11.689 -6.306  11.894  1.00 36.69 ? 159 HOH A O   1 
HETATM 794 O O   . HOH B 2 .   ? 18.531  0.273   -0.821  1.00 46.48 ? 160 HOH A O   1 
HETATM 795 O O   . HOH B 2 .   ? -11.839 4.207   4.796   1.00 30.95 ? 161 HOH A O   1 
HETATM 796 O O   . HOH B 2 .   ? -4.343  4.999   -12.001 1.00 38.54 ? 162 HOH A O   1 
HETATM 797 O O   . HOH B 2 .   ? 0.438   4.266   14.468  1.00 33.06 ? 163 HOH A O   1 
HETATM 798 O O   . HOH B 2 .   ? 6.079   12.496  -2.108  1.00 50.34 ? 164 HOH A O   1 
HETATM 799 O O   . HOH B 2 .   ? -8.753  -2.857  -14.355 1.00 49.99 ? 165 HOH A O   1 
HETATM 800 O O   . HOH B 2 .   ? 4.391   12.090  -5.319  1.00 38.11 ? 166 HOH A O   1 
HETATM 801 O O   . HOH B 2 .   ? -7.187  9.314   -11.030 1.00 42.83 ? 167 HOH A O   1 
HETATM 802 O O   . HOH B 2 .   ? -1.738  5.616   15.251  1.00 40.27 ? 168 HOH A O   1 
HETATM 803 O O   . HOH B 2 .   ? -1.528  -10.259 10.400  1.00 44.26 ? 169 HOH A O   1 
HETATM 804 O O   . HOH B 2 .   ? 7.916   4.597   9.468   1.00 42.59 ? 170 HOH A O   1 
HETATM 805 O O   . HOH B 2 .   ? -4.242  -9.816  -5.109  1.00 37.51 ? 171 HOH A O   1 
HETATM 806 O O   . HOH B 2 .   ? -11.588 3.396   0.345   1.00 43.01 ? 172 HOH A O   1 
HETATM 807 O O   . HOH B 2 .   ? 10.995  -3.312  -7.144  1.00 45.71 ? 173 HOH A O   1 
HETATM 808 O O   . HOH B 2 .   ? -12.557 -8.151  4.723   1.00 36.63 ? 174 HOH A O   1 
HETATM 809 O O   . HOH B 2 .   ? 12.592  0.569   5.935   1.00 41.05 ? 175 HOH A O   1 
HETATM 810 O O   . HOH B 2 .   ? 15.201  8.906   -7.049  1.00 39.57 ? 176 HOH A O   1 
HETATM 811 O O   . HOH B 2 .   ? 9.874   1.260   -13.806 1.00 47.20 ? 177 HOH A O   1 
HETATM 812 O O   . HOH B 2 .   ? -2.903  3.016   -10.970 1.00 43.51 ? 178 HOH A O   1 
HETATM 813 O O   . HOH B 2 .   ? 3.730   14.488  -11.798 1.00 51.81 ? 179 HOH A O   1 
HETATM 814 O O   . HOH B 2 .   ? 2.858   5.140   15.444  1.00 41.18 ? 180 HOH A O   1 
HETATM 815 O O   . HOH B 2 .   ? 6.778   3.807   -12.825 1.00 43.86 ? 181 HOH A O   1 
HETATM 816 O O   . HOH B 2 .   ? -14.344 3.702   5.753   1.00 44.47 ? 182 HOH A O   1 
HETATM 817 O O   . HOH B 2 .   ? 10.816  9.535   -2.757  1.00 36.12 ? 183 HOH A O   1 
HETATM 818 O O   . HOH B 2 .   ? 2.160   5.112   18.218  1.00 50.58 ? 184 HOH A O   1 
HETATM 819 O O   . HOH B 2 .   ? -5.274  2.516   17.460  1.00 35.93 ? 185 HOH A O   1 
HETATM 820 O O   . HOH B 2 .   ? -2.507  0.604   -9.707  1.00 35.98 ? 186 HOH A O   1 
HETATM 821 O O   . HOH B 2 .   ? 3.808   13.911  0.076   1.00 41.45 ? 187 HOH A O   1 
HETATM 822 O O   . HOH B 2 .   ? -3.437  -5.118  17.035  1.00 45.95 ? 188 HOH A O   1 
HETATM 823 O O   . HOH B 2 .   ? -2.649  -12.366 -0.578  1.00 38.12 ? 189 HOH A O   1 
# 
loop_
_pdbx_poly_seq_scheme.asym_id 
_pdbx_poly_seq_scheme.entity_id 
_pdbx_poly_seq_scheme.seq_id 
_pdbx_poly_seq_scheme.mon_id 
_pdbx_poly_seq_scheme.ndb_seq_num 
_pdbx_poly_seq_scheme.pdb_seq_num 
_pdbx_poly_seq_scheme.auth_seq_num 
_pdbx_poly_seq_scheme.pdb_mon_id 
_pdbx_poly_seq_scheme.auth_mon_id 
_pdbx_poly_seq_scheme.pdb_strand_id 
_pdbx_poly_seq_scheme.pdb_ins_code 
_pdbx_poly_seq_scheme.hetero 
A 1 1   GLY 1   1   ?   ?   ?   A . n 
A 1 2   ALA 2   2   ?   ?   ?   A . n 
A 1 3   ASN 3   3   ?   ?   ?   A . n 
A 1 4   GLU 4   4   ?   ?   ?   A . n 
A 1 5   THR 5   5   ?   ?   ?   A . n 
A 1 6   THR 6   6   ?   ?   ?   A . n 
A 1 7   LYS 7   7   ?   ?   ?   A . n 
A 1 8   GLN 8   8   ?   ?   ?   A . n 
A 1 9   GLU 9   9   ?   ?   ?   A . n 
A 1 10  SER 10  10  ?   ?   ?   A . n 
A 1 11  PRO 11  11  ?   ?   ?   A . n 
A 1 12  VAL 12  12  12  VAL VAL A . n 
A 1 13  VAL 13  13  13  VAL VAL A . n 
A 1 14  ASP 14  14  14  ASP ASP A . n 
A 1 15  THR 15  15  15  THR THR A . n 
A 1 16  ASP 16  16  16  ASP ASP A . n 
A 1 17  ILE 17  17  17  ILE ILE A . n 
A 1 18  ASN 18  18  18  ASN ASN A . n 
A 1 19  ALA 19  19  19  ALA ALA A . n 
A 1 20  VAL 20  20  20  VAL VAL A . n 
A 1 21  THR 21  21  21  THR THR A . n 
A 1 22  ASN 22  22  22  ASN ASN A . n 
A 1 23  TYR 23  23  23  TYR TYR A . n 
A 1 24  ILE 24  24  24  ILE ILE A . n 
A 1 25  VAL 25  25  25  VAL VAL A . n 
A 1 26  GLY 26  26  26  GLY GLY A . n 
A 1 27  MET 27  27  27  MET MET A . n 
A 1 28  CYS 28  28  28  CYS CYS A . n 
A 1 29  GLN 29  29  29  GLN GLN A . n 
A 1 30  LYS 30  30  30  LYS LYS A . n 
A 1 31  PHE 31  31  31  PHE PHE A . n 
A 1 32  LEU 32  32  32  LEU LEU A . n 
A 1 33  GLN 33  33  33  GLN GLN A . n 
A 1 34  LYS 34  34  34  LYS LYS A . n 
A 1 35  GLY 35  35  35  GLY GLY A . n 
A 1 36  GLU 36  36  36  GLU GLU A . n 
A 1 37  LYS 37  37  37  LYS LYS A . n 
A 1 38  VAL 38  38  38  VAL VAL A . n 
A 1 39  THR 39  39  39  THR THR A . n 
A 1 40  PRO 40  40  40  PRO PRO A . n 
A 1 41  SER 41  41  41  SER SER A . n 
A 1 42  SER 42  42  42  SER SER A . n 
A 1 43  LYS 43  43  43  LYS LYS A . n 
A 1 44  LEU 44  44  44  LEU LEU A . n 
A 1 45  GLU 45  45  45  GLU GLU A . n 
A 1 46  GLU 46  46  46  GLU GLU A . n 
A 1 47  LEU 47  47  47  LEU LEU A . n 
A 1 48  ARG 48  48  48  ARG ARG A . n 
A 1 49  THR 49  49  49  THR THR A . n 
A 1 50  ARG 50  50  50  ARG ARG A . n 
A 1 51  GLU 51  51  51  GLU GLU A . n 
A 1 52  ASP 52  52  52  ASP ASP A . n 
A 1 53  ARG 53  53  53  ARG ARG A . n 
A 1 54  LEU 54  54  54  LEU LEU A . n 
A 1 55  TRP 55  55  55  TRP TRP A . n 
A 1 56  ASP 56  56  56  ASP ASP A . n 
A 1 57  CYS 57  57  57  CYS CYS A . n 
A 1 58  LEU 58  58  58  LEU LEU A . n 
A 1 59  ASP 59  59  59  ASP ASP A . n 
A 1 60  THR 60  60  60  THR THR A . n 
A 1 61  VAL 61  61  61  VAL VAL A . n 
A 1 62  GLU 62  62  62  GLU GLU A . n 
A 1 63  PHE 63  63  63  PHE PHE A . n 
A 1 64  VAL 64  64  64  VAL VAL A . n 
A 1 65  LEU 65  65  65  LEU LEU A . n 
A 1 66  ASP 66  66  66  ASP ASP A . n 
A 1 67  VAL 67  67  67  VAL VAL A . n 
A 1 68  GLU 68  68  68  GLU GLU A . n 
A 1 69  GLU 69  69  69  GLU GLU A . n 
A 1 70  ILE 70  70  70  ILE ILE A . n 
A 1 71  PHE 71  71  71  PHE PHE A . n 
A 1 72  ASP 72  72  72  ASP ASP A . n 
A 1 73  VAL 73  73  73  VAL VAL A . n 
A 1 74  THR 74  74  74  THR THR A . n 
A 1 75  VAL 75  75  75  VAL VAL A . n 
A 1 76  PRO 76  76  76  PRO PRO A . n 
A 1 77  ASP 77  77  77  ASP ASP A . n 
A 1 78  GLU 78  78  78  GLU GLU A . n 
A 1 79  VAL 79  79  79  VAL VAL A . n 
A 1 80  ALA 80  80  80  ALA ALA A . n 
A 1 81  ASP 81  81  81  ASP ASP A . n 
A 1 82  ASN 82  82  82  ASN ASN A . n 
A 1 83  PHE 83  83  83  PHE PHE A . n 
A 1 84  GLN 84  84  84  GLN GLN A . n 
A 1 85  THR 85  85  85  THR THR A . n 
A 1 86  LEU 86  86  86  LEU LEU A . n 
A 1 87  GLN 87  87  87  GLN GLN A . n 
A 1 88  GLU 88  88  88  GLU GLU A . n 
A 1 89  ILE 89  89  89  ILE ILE A . n 
A 1 90  ALA 90  90  90  ALA ALA A . n 
A 1 91  ASP 91  91  91  ASP ASP A . n 
A 1 92  PHE 92  92  92  PHE PHE A . n 
A 1 93  VAL 93  93  93  VAL VAL A . n 
A 1 94  VAL 94  94  94  VAL VAL A . n 
A 1 95  SER 95  95  95  SER SER A . n 
A 1 96  GLU 96  96  96  GLU GLU A . n 
A 1 97  ARG 97  97  97  ARG ARG A . n 
A 1 98  ALA 98  98  98  ALA ALA A . n 
A 1 99  LYS 99  99  99  LYS LYS A . n 
A 1 100 ALA 100 100 100 ALA ALA A . n 
A 1 101 GLY 101 101 101 GLY GLY A . n 
A 1 102 LYS 102 102 ?   ?   ?   A . n 
A 1 103 PHE 103 103 ?   ?   ?   A . n 
A 1 104 MET 104 104 ?   ?   ?   A . n 
A 1 105 LYS 105 105 ?   ?   ?   A . n 
A 1 106 ASP 106 106 ?   ?   ?   A . n 
A 1 107 GLN 107 107 ?   ?   ?   A . n 
# 
_pdbx_SG_project.id                    1 
_pdbx_SG_project.project_name          ? 
_pdbx_SG_project.full_name_of_center   'Structural Genomics Consortium' 
_pdbx_SG_project.initial_of_center     SGC 
# 
loop_
_pdbx_nonpoly_scheme.asym_id 
_pdbx_nonpoly_scheme.entity_id 
_pdbx_nonpoly_scheme.mon_id 
_pdbx_nonpoly_scheme.ndb_seq_num 
_pdbx_nonpoly_scheme.pdb_seq_num 
_pdbx_nonpoly_scheme.auth_seq_num 
_pdbx_nonpoly_scheme.pdb_mon_id 
_pdbx_nonpoly_scheme.auth_mon_id 
_pdbx_nonpoly_scheme.pdb_strand_id 
_pdbx_nonpoly_scheme.pdb_ins_code 
B 2 HOH 1  108 1  HOH HOH A . 
B 2 HOH 2  109 2  HOH HOH A . 
B 2 HOH 3  110 3  HOH HOH A . 
B 2 HOH 4  111 4  HOH HOH A . 
B 2 HOH 5  112 6  HOH HOH A . 
B 2 HOH 6  113 7  HOH HOH A . 
B 2 HOH 7  114 8  HOH HOH A . 
B 2 HOH 8  115 9  HOH HOH A . 
B 2 HOH 9  116 10 HOH HOH A . 
B 2 HOH 10 117 11 HOH HOH A . 
B 2 HOH 11 118 12 HOH HOH A . 
B 2 HOH 12 119 13 HOH HOH A . 
B 2 HOH 13 120 14 HOH HOH A . 
B 2 HOH 14 121 15 HOH HOH A . 
B 2 HOH 15 122 16 HOH HOH A . 
B 2 HOH 16 123 17 HOH HOH A . 
B 2 HOH 17 124 18 HOH HOH A . 
B 2 HOH 18 125 20 HOH HOH A . 
B 2 HOH 19 126 21 HOH HOH A . 
B 2 HOH 20 127 22 HOH HOH A . 
B 2 HOH 21 128 23 HOH HOH A . 
B 2 HOH 22 129 24 HOH HOH A . 
B 2 HOH 23 130 25 HOH HOH A . 
B 2 HOH 24 131 26 HOH HOH A . 
B 2 HOH 25 132 28 HOH HOH A . 
B 2 HOH 26 133 29 HOH HOH A . 
B 2 HOH 27 134 30 HOH HOH A . 
B 2 HOH 28 135 31 HOH HOH A . 
B 2 HOH 29 136 32 HOH HOH A . 
B 2 HOH 30 137 33 HOH HOH A . 
B 2 HOH 31 138 34 HOH HOH A . 
B 2 HOH 32 139 35 HOH HOH A . 
B 2 HOH 33 140 36 HOH HOH A . 
B 2 HOH 34 141 37 HOH HOH A . 
B 2 HOH 35 142 38 HOH HOH A . 
B 2 HOH 36 143 39 HOH HOH A . 
B 2 HOH 37 144 40 HOH HOH A . 
B 2 HOH 38 145 41 HOH HOH A . 
B 2 HOH 39 146 42 HOH HOH A . 
B 2 HOH 40 147 43 HOH HOH A . 
B 2 HOH 41 148 44 HOH HOH A . 
B 2 HOH 42 149 45 HOH HOH A . 
B 2 HOH 43 150 47 HOH HOH A . 
B 2 HOH 44 151 50 HOH HOH A . 
B 2 HOH 45 152 51 HOH HOH A . 
B 2 HOH 46 153 52 HOH HOH A . 
B 2 HOH 47 154 54 HOH HOH A . 
B 2 HOH 48 155 55 HOH HOH A . 
B 2 HOH 49 156 56 HOH HOH A . 
B 2 HOH 50 157 58 HOH HOH A . 
B 2 HOH 51 158 59 HOH HOH A . 
B 2 HOH 52 159 61 HOH HOH A . 
B 2 HOH 53 160 62 HOH HOH A . 
B 2 HOH 54 161 63 HOH HOH A . 
B 2 HOH 55 162 64 HOH HOH A . 
B 2 HOH 56 163 65 HOH HOH A . 
B 2 HOH 57 164 66 HOH HOH A . 
B 2 HOH 58 165 69 HOH HOH A . 
B 2 HOH 59 166 70 HOH HOH A . 
B 2 HOH 60 167 71 HOH HOH A . 
B 2 HOH 61 168 72 HOH HOH A . 
B 2 HOH 62 169 73 HOH HOH A . 
B 2 HOH 63 170 74 HOH HOH A . 
B 2 HOH 64 171 75 HOH HOH A . 
B 2 HOH 65 172 76 HOH HOH A . 
B 2 HOH 66 173 77 HOH HOH A . 
B 2 HOH 67 174 78 HOH HOH A . 
B 2 HOH 68 175 79 HOH HOH A . 
B 2 HOH 69 176 80 HOH HOH A . 
B 2 HOH 70 177 81 HOH HOH A . 
B 2 HOH 71 178 82 HOH HOH A . 
B 2 HOH 72 179 83 HOH HOH A . 
B 2 HOH 73 180 84 HOH HOH A . 
B 2 HOH 74 181 85 HOH HOH A . 
B 2 HOH 75 182 87 HOH HOH A . 
B 2 HOH 76 183 88 HOH HOH A . 
B 2 HOH 77 184 91 HOH HOH A . 
B 2 HOH 78 185 93 HOH HOH A . 
B 2 HOH 79 186 94 HOH HOH A . 
B 2 HOH 80 187 97 HOH HOH A . 
B 2 HOH 81 188 98 HOH HOH A . 
B 2 HOH 82 189 99 HOH HOH A . 
# 
_pdbx_struct_assembly.id                   1 
_pdbx_struct_assembly.details              software_defined_assembly 
_pdbx_struct_assembly.method_details       PISA 
_pdbx_struct_assembly.oligomeric_details   monomeric 
_pdbx_struct_assembly.oligomeric_count     1 
# 
_pdbx_struct_assembly_gen.assembly_id       1 
_pdbx_struct_assembly_gen.oper_expression   1 
_pdbx_struct_assembly_gen.asym_id_list      A,B 
# 
_pdbx_struct_oper_list.id                   1 
_pdbx_struct_oper_list.type                 'identity operation' 
_pdbx_struct_oper_list.name                 1_555 
_pdbx_struct_oper_list.symmetry_operation   x,y,z 
_pdbx_struct_oper_list.matrix[1][1]         1.0000000000 
_pdbx_struct_oper_list.matrix[1][2]         0.0000000000 
_pdbx_struct_oper_list.matrix[1][3]         0.0000000000 
_pdbx_struct_oper_list.vector[1]            0.0000000000 
_pdbx_struct_oper_list.matrix[2][1]         0.0000000000 
_pdbx_struct_oper_list.matrix[2][2]         1.0000000000 
_pdbx_struct_oper_list.matrix[2][3]         0.0000000000 
_pdbx_struct_oper_list.vector[2]            0.0000000000 
_pdbx_struct_oper_list.matrix[3][1]         0.0000000000 
_pdbx_struct_oper_list.matrix[3][2]         0.0000000000 
_pdbx_struct_oper_list.matrix[3][3]         1.0000000000 
_pdbx_struct_oper_list.vector[3]            0.0000000000 
# 
loop_
_pdbx_audit_revision_history.ordinal 
_pdbx_audit_revision_history.data_content_type 
_pdbx_audit_revision_history.major_revision 
_pdbx_audit_revision_history.minor_revision 
_pdbx_audit_revision_history.revision_date 
1 'Structure model' 1 0 2008-03-25 
2 'Structure model' 1 1 2011-07-13 
3 'Structure model' 1 2 2017-10-25 
4 'Structure model' 1 3 2023-08-30 
# 
_pdbx_audit_revision_details.ordinal             1 
_pdbx_audit_revision_details.revision_ordinal    1 
_pdbx_audit_revision_details.data_content_type   'Structure model' 
_pdbx_audit_revision_details.provider            repository 
_pdbx_audit_revision_details.type                'Initial release' 
_pdbx_audit_revision_details.description         ? 
_pdbx_audit_revision_details.details             ? 
# 
loop_
_pdbx_audit_revision_group.ordinal 
_pdbx_audit_revision_group.revision_ordinal 
_pdbx_audit_revision_group.data_content_type 
_pdbx_audit_revision_group.group 
1 2 'Structure model' 'Version format compliance' 
2 3 'Structure model' 'Refinement description'    
3 4 'Structure model' 'Data collection'           
4 4 'Structure model' 'Database references'       
5 4 'Structure model' 'Refinement description'    
# 
loop_
_pdbx_audit_revision_category.ordinal 
_pdbx_audit_revision_category.revision_ordinal 
_pdbx_audit_revision_category.data_content_type 
_pdbx_audit_revision_category.category 
1 3 'Structure model' software                      
2 4 'Structure model' chem_comp_atom                
3 4 'Structure model' chem_comp_bond                
4 4 'Structure model' database_2                    
5 4 'Structure model' pdbx_initial_refinement_model 
6 4 'Structure model' struct_ref_seq                
7 4 'Structure model' struct_ref_seq_dif            
# 
loop_
_pdbx_audit_revision_item.ordinal 
_pdbx_audit_revision_item.revision_ordinal 
_pdbx_audit_revision_item.data_content_type 
_pdbx_audit_revision_item.item 
1 4 'Structure model' '_database_2.pdbx_DOI'                
2 4 'Structure model' '_database_2.pdbx_database_accession' 
3 4 'Structure model' '_struct_ref_seq.db_align_beg'        
4 4 'Structure model' '_struct_ref_seq.db_align_end'        
5 4 'Structure model' '_struct_ref_seq_dif.details'         
# 
_pdbx_phasing_MR.entry_id                     3CE7 
_pdbx_phasing_MR.method_rotation              ? 
_pdbx_phasing_MR.method_translation           ? 
_pdbx_phasing_MR.model_details                'Phaser MODE: MR_AUTO' 
_pdbx_phasing_MR.R_factor                     ? 
_pdbx_phasing_MR.R_rigid_body                 ? 
_pdbx_phasing_MR.correlation_coeff_Fo_to_Fc   ? 
_pdbx_phasing_MR.correlation_coeff_Io_to_Ic   ? 
_pdbx_phasing_MR.d_res_high_rotation          2.500 
_pdbx_phasing_MR.d_res_low_rotation           24.670 
_pdbx_phasing_MR.d_res_high_translation       2.500 
_pdbx_phasing_MR.d_res_low_translation        24.670 
_pdbx_phasing_MR.packing                      ? 
_pdbx_phasing_MR.reflns_percent_rotation      ? 
_pdbx_phasing_MR.reflns_percent_translation   ? 
_pdbx_phasing_MR.sigma_F_rotation             ? 
_pdbx_phasing_MR.sigma_F_translation          ? 
_pdbx_phasing_MR.sigma_I_rotation             ? 
_pdbx_phasing_MR.sigma_I_translation          ? 
# 
_phasing.method   MR 
# 
loop_
_software.name 
_software.version 
_software.date 
_software.type 
_software.contact_author 
_software.contact_author_email 
_software.classification 
_software.location 
_software.language 
_software.citation_id 
_software.pdbx_ordinal 
DENZO       .     ?                    package 'Zbyszek Otwinowski' zbyszek@mix.swmed.edu       'data reduction'  
http://www.lnls.br/infra/linhasluz/denzo-hkl.htm ?          ? 1 
SCALEPACK   .     ?                    package 'Zbyszek Otwinowski' zbyszek@mix.swmed.edu       'data scaling'    
http://www.lnls.br/infra/linhasluz/denzo-hkl.htm ?          ? 2 
PHASER      .     ?                    other   'R. J. Read'         cimr-phaser@lists.cam.ac.uk phasing           
http://www-structmed.cimr.cam.ac.uk/phaser/      ?          ? 3 
REFMAC      .     ?                    program 'Murshudov, G.N.'    ccp4@dl.ac.uk               refinement        
http://www.ccp4.ac.uk/main.html                  Fortran_77 ? 4 
PDB_EXTRACT 3.004 'September 10, 2007' package PDB                  sw-help@rcsb.rutgers.edu    'data extraction' 
http://pdb.rutgers.edu/software/                 C++        ? 5 
# 
_pdbx_entry_details.entry_id                 3CE7 
_pdbx_entry_details.sequence_details         
;THE SEQUENCE OF THIS PROTEIN WAS NOT AVAILABLE
AT THE UNIPROT KNOWLEDGEBASE DATABASE (UNIPROTKB)
AT THE TIME OF DEPOSITION.
;
_pdbx_entry_details.compound_details         ? 
_pdbx_entry_details.source_details           ? 
_pdbx_entry_details.nonpolymer_details       ? 
_pdbx_entry_details.has_ligand_of_interest   ? 
# 
loop_
_pdbx_unobs_or_zero_occ_atoms.id 
_pdbx_unobs_or_zero_occ_atoms.PDB_model_num 
_pdbx_unobs_or_zero_occ_atoms.polymer_flag 
_pdbx_unobs_or_zero_occ_atoms.occupancy_flag 
_pdbx_unobs_or_zero_occ_atoms.auth_asym_id 
_pdbx_unobs_or_zero_occ_atoms.auth_comp_id 
_pdbx_unobs_or_zero_occ_atoms.auth_seq_id 
_pdbx_unobs_or_zero_occ_atoms.PDB_ins_code 
_pdbx_unobs_or_zero_occ_atoms.auth_atom_id 
_pdbx_unobs_or_zero_occ_atoms.label_alt_id 
_pdbx_unobs_or_zero_occ_atoms.label_asym_id 
_pdbx_unobs_or_zero_occ_atoms.label_comp_id 
_pdbx_unobs_or_zero_occ_atoms.label_seq_id 
_pdbx_unobs_or_zero_occ_atoms.label_atom_id 
1 1 Y 1 A LYS 34 ? CG ? A LYS 34 CG 
2 1 Y 1 A LYS 34 ? CD ? A LYS 34 CD 
3 1 Y 1 A LYS 34 ? CE ? A LYS 34 CE 
4 1 Y 1 A LYS 34 ? NZ ? A LYS 34 NZ 
# 
loop_
_pdbx_unobs_or_zero_occ_residues.id 
_pdbx_unobs_or_zero_occ_residues.PDB_model_num 
_pdbx_unobs_or_zero_occ_residues.polymer_flag 
_pdbx_unobs_or_zero_occ_residues.occupancy_flag 
_pdbx_unobs_or_zero_occ_residues.auth_asym_id 
_pdbx_unobs_or_zero_occ_residues.auth_comp_id 
_pdbx_unobs_or_zero_occ_residues.auth_seq_id 
_pdbx_unobs_or_zero_occ_residues.PDB_ins_code 
_pdbx_unobs_or_zero_occ_residues.label_asym_id 
_pdbx_unobs_or_zero_occ_residues.label_comp_id 
_pdbx_unobs_or_zero_occ_residues.label_seq_id 
1  1 Y 1 A GLY 1   ? A GLY 1   
2  1 Y 1 A ALA 2   ? A ALA 2   
3  1 Y 1 A ASN 3   ? A ASN 3   
4  1 Y 1 A GLU 4   ? A GLU 4   
5  1 Y 1 A THR 5   ? A THR 5   
6  1 Y 1 A THR 6   ? A THR 6   
7  1 Y 1 A LYS 7   ? A LYS 7   
8  1 Y 1 A GLN 8   ? A GLN 8   
9  1 Y 1 A GLU 9   ? A GLU 9   
10 1 Y 1 A SER 10  ? A SER 10  
11 1 Y 1 A PRO 11  ? A PRO 11  
12 1 Y 1 A LYS 102 ? A LYS 102 
13 1 Y 1 A PHE 103 ? A PHE 103 
14 1 Y 1 A MET 104 ? A MET 104 
15 1 Y 1 A LYS 105 ? A LYS 105 
16 1 Y 1 A ASP 106 ? A ASP 106 
17 1 Y 1 A GLN 107 ? A GLN 107 
# 
loop_
_chem_comp_atom.comp_id 
_chem_comp_atom.atom_id 
_chem_comp_atom.type_symbol 
_chem_comp_atom.pdbx_aromatic_flag 
_chem_comp_atom.pdbx_stereo_config 
_chem_comp_atom.pdbx_ordinal 
ALA N    N N N 1   
ALA CA   C N S 2   
ALA C    C N N 3   
ALA O    O N N 4   
ALA CB   C N N 5   
ALA OXT  O N N 6   
ALA H    H N N 7   
ALA H2   H N N 8   
ALA HA   H N N 9   
ALA HB1  H N N 10  
ALA HB2  H N N 11  
ALA HB3  H N N 12  
ALA HXT  H N N 13  
ARG N    N N N 14  
ARG CA   C N S 15  
ARG C    C N N 16  
ARG O    O N N 17  
ARG CB   C N N 18  
ARG CG   C N N 19  
ARG CD   C N N 20  
ARG NE   N N N 21  
ARG CZ   C N N 22  
ARG NH1  N N N 23  
ARG NH2  N N N 24  
ARG OXT  O N N 25  
ARG H    H N N 26  
ARG H2   H N N 27  
ARG HA   H N N 28  
ARG HB2  H N N 29  
ARG HB3  H N N 30  
ARG HG2  H N N 31  
ARG HG3  H N N 32  
ARG HD2  H N N 33  
ARG HD3  H N N 34  
ARG HE   H N N 35  
ARG HH11 H N N 36  
ARG HH12 H N N 37  
ARG HH21 H N N 38  
ARG HH22 H N N 39  
ARG HXT  H N N 40  
ASN N    N N N 41  
ASN CA   C N S 42  
ASN C    C N N 43  
ASN O    O N N 44  
ASN CB   C N N 45  
ASN CG   C N N 46  
ASN OD1  O N N 47  
ASN ND2  N N N 48  
ASN OXT  O N N 49  
ASN H    H N N 50  
ASN H2   H N N 51  
ASN HA   H N N 52  
ASN HB2  H N N 53  
ASN HB3  H N N 54  
ASN HD21 H N N 55  
ASN HD22 H N N 56  
ASN HXT  H N N 57  
ASP N    N N N 58  
ASP CA   C N S 59  
ASP C    C N N 60  
ASP O    O N N 61  
ASP CB   C N N 62  
ASP CG   C N N 63  
ASP OD1  O N N 64  
ASP OD2  O N N 65  
ASP OXT  O N N 66  
ASP H    H N N 67  
ASP H2   H N N 68  
ASP HA   H N N 69  
ASP HB2  H N N 70  
ASP HB3  H N N 71  
ASP HD2  H N N 72  
ASP HXT  H N N 73  
CYS N    N N N 74  
CYS CA   C N R 75  
CYS C    C N N 76  
CYS O    O N N 77  
CYS CB   C N N 78  
CYS SG   S N N 79  
CYS OXT  O N N 80  
CYS H    H N N 81  
CYS H2   H N N 82  
CYS HA   H N N 83  
CYS HB2  H N N 84  
CYS HB3  H N N 85  
CYS HG   H N N 86  
CYS HXT  H N N 87  
GLN N    N N N 88  
GLN CA   C N S 89  
GLN C    C N N 90  
GLN O    O N N 91  
GLN CB   C N N 92  
GLN CG   C N N 93  
GLN CD   C N N 94  
GLN OE1  O N N 95  
GLN NE2  N N N 96  
GLN OXT  O N N 97  
GLN H    H N N 98  
GLN H2   H N N 99  
GLN HA   H N N 100 
GLN HB2  H N N 101 
GLN HB3  H N N 102 
GLN HG2  H N N 103 
GLN HG3  H N N 104 
GLN HE21 H N N 105 
GLN HE22 H N N 106 
GLN HXT  H N N 107 
GLU N    N N N 108 
GLU CA   C N S 109 
GLU C    C N N 110 
GLU O    O N N 111 
GLU CB   C N N 112 
GLU CG   C N N 113 
GLU CD   C N N 114 
GLU OE1  O N N 115 
GLU OE2  O N N 116 
GLU OXT  O N N 117 
GLU H    H N N 118 
GLU H2   H N N 119 
GLU HA   H N N 120 
GLU HB2  H N N 121 
GLU HB3  H N N 122 
GLU HG2  H N N 123 
GLU HG3  H N N 124 
GLU HE2  H N N 125 
GLU HXT  H N N 126 
GLY N    N N N 127 
GLY CA   C N N 128 
GLY C    C N N 129 
GLY O    O N N 130 
GLY OXT  O N N 131 
GLY H    H N N 132 
GLY H2   H N N 133 
GLY HA2  H N N 134 
GLY HA3  H N N 135 
GLY HXT  H N N 136 
HOH O    O N N 137 
HOH H1   H N N 138 
HOH H2   H N N 139 
ILE N    N N N 140 
ILE CA   C N S 141 
ILE C    C N N 142 
ILE O    O N N 143 
ILE CB   C N S 144 
ILE CG1  C N N 145 
ILE CG2  C N N 146 
ILE CD1  C N N 147 
ILE OXT  O N N 148 
ILE H    H N N 149 
ILE H2   H N N 150 
ILE HA   H N N 151 
ILE HB   H N N 152 
ILE HG12 H N N 153 
ILE HG13 H N N 154 
ILE HG21 H N N 155 
ILE HG22 H N N 156 
ILE HG23 H N N 157 
ILE HD11 H N N 158 
ILE HD12 H N N 159 
ILE HD13 H N N 160 
ILE HXT  H N N 161 
LEU N    N N N 162 
LEU CA   C N S 163 
LEU C    C N N 164 
LEU O    O N N 165 
LEU CB   C N N 166 
LEU CG   C N N 167 
LEU CD1  C N N 168 
LEU CD2  C N N 169 
LEU OXT  O N N 170 
LEU H    H N N 171 
LEU H2   H N N 172 
LEU HA   H N N 173 
LEU HB2  H N N 174 
LEU HB3  H N N 175 
LEU HG   H N N 176 
LEU HD11 H N N 177 
LEU HD12 H N N 178 
LEU HD13 H N N 179 
LEU HD21 H N N 180 
LEU HD22 H N N 181 
LEU HD23 H N N 182 
LEU HXT  H N N 183 
LYS N    N N N 184 
LYS CA   C N S 185 
LYS C    C N N 186 
LYS O    O N N 187 
LYS CB   C N N 188 
LYS CG   C N N 189 
LYS CD   C N N 190 
LYS CE   C N N 191 
LYS NZ   N N N 192 
LYS OXT  O N N 193 
LYS H    H N N 194 
LYS H2   H N N 195 
LYS HA   H N N 196 
LYS HB2  H N N 197 
LYS HB3  H N N 198 
LYS HG2  H N N 199 
LYS HG3  H N N 200 
LYS HD2  H N N 201 
LYS HD3  H N N 202 
LYS HE2  H N N 203 
LYS HE3  H N N 204 
LYS HZ1  H N N 205 
LYS HZ2  H N N 206 
LYS HZ3  H N N 207 
LYS HXT  H N N 208 
MET N    N N N 209 
MET CA   C N S 210 
MET C    C N N 211 
MET O    O N N 212 
MET CB   C N N 213 
MET CG   C N N 214 
MET SD   S N N 215 
MET CE   C N N 216 
MET OXT  O N N 217 
MET H    H N N 218 
MET H2   H N N 219 
MET HA   H N N 220 
MET HB2  H N N 221 
MET HB3  H N N 222 
MET HG2  H N N 223 
MET HG3  H N N 224 
MET HE1  H N N 225 
MET HE2  H N N 226 
MET HE3  H N N 227 
MET HXT  H N N 228 
PHE N    N N N 229 
PHE CA   C N S 230 
PHE C    C N N 231 
PHE O    O N N 232 
PHE CB   C N N 233 
PHE CG   C Y N 234 
PHE CD1  C Y N 235 
PHE CD2  C Y N 236 
PHE CE1  C Y N 237 
PHE CE2  C Y N 238 
PHE CZ   C Y N 239 
PHE OXT  O N N 240 
PHE H    H N N 241 
PHE H2   H N N 242 
PHE HA   H N N 243 
PHE HB2  H N N 244 
PHE HB3  H N N 245 
PHE HD1  H N N 246 
PHE HD2  H N N 247 
PHE HE1  H N N 248 
PHE HE2  H N N 249 
PHE HZ   H N N 250 
PHE HXT  H N N 251 
PRO N    N N N 252 
PRO CA   C N S 253 
PRO C    C N N 254 
PRO O    O N N 255 
PRO CB   C N N 256 
PRO CG   C N N 257 
PRO CD   C N N 258 
PRO OXT  O N N 259 
PRO H    H N N 260 
PRO HA   H N N 261 
PRO HB2  H N N 262 
PRO HB3  H N N 263 
PRO HG2  H N N 264 
PRO HG3  H N N 265 
PRO HD2  H N N 266 
PRO HD3  H N N 267 
PRO HXT  H N N 268 
SER N    N N N 269 
SER CA   C N S 270 
SER C    C N N 271 
SER O    O N N 272 
SER CB   C N N 273 
SER OG   O N N 274 
SER OXT  O N N 275 
SER H    H N N 276 
SER H2   H N N 277 
SER HA   H N N 278 
SER HB2  H N N 279 
SER HB3  H N N 280 
SER HG   H N N 281 
SER HXT  H N N 282 
THR N    N N N 283 
THR CA   C N S 284 
THR C    C N N 285 
THR O    O N N 286 
THR CB   C N R 287 
THR OG1  O N N 288 
THR CG2  C N N 289 
THR OXT  O N N 290 
THR H    H N N 291 
THR H2   H N N 292 
THR HA   H N N 293 
THR HB   H N N 294 
THR HG1  H N N 295 
THR HG21 H N N 296 
THR HG22 H N N 297 
THR HG23 H N N 298 
THR HXT  H N N 299 
TRP N    N N N 300 
TRP CA   C N S 301 
TRP C    C N N 302 
TRP O    O N N 303 
TRP CB   C N N 304 
TRP CG   C Y N 305 
TRP CD1  C Y N 306 
TRP CD2  C Y N 307 
TRP NE1  N Y N 308 
TRP CE2  C Y N 309 
TRP CE3  C Y N 310 
TRP CZ2  C Y N 311 
TRP CZ3  C Y N 312 
TRP CH2  C Y N 313 
TRP OXT  O N N 314 
TRP H    H N N 315 
TRP H2   H N N 316 
TRP HA   H N N 317 
TRP HB2  H N N 318 
TRP HB3  H N N 319 
TRP HD1  H N N 320 
TRP HE1  H N N 321 
TRP HE3  H N N 322 
TRP HZ2  H N N 323 
TRP HZ3  H N N 324 
TRP HH2  H N N 325 
TRP HXT  H N N 326 
TYR N    N N N 327 
TYR CA   C N S 328 
TYR C    C N N 329 
TYR O    O N N 330 
TYR CB   C N N 331 
TYR CG   C Y N 332 
TYR CD1  C Y N 333 
TYR CD2  C Y N 334 
TYR CE1  C Y N 335 
TYR CE2  C Y N 336 
TYR CZ   C Y N 337 
TYR OH   O N N 338 
TYR OXT  O N N 339 
TYR H    H N N 340 
TYR H2   H N N 341 
TYR HA   H N N 342 
TYR HB2  H N N 343 
TYR HB3  H N N 344 
TYR HD1  H N N 345 
TYR HD2  H N N 346 
TYR HE1  H N N 347 
TYR HE2  H N N 348 
TYR HH   H N N 349 
TYR HXT  H N N 350 
VAL N    N N N 351 
VAL CA   C N S 352 
VAL C    C N N 353 
VAL O    O N N 354 
VAL CB   C N N 355 
VAL CG1  C N N 356 
VAL CG2  C N N 357 
VAL OXT  O N N 358 
VAL H    H N N 359 
VAL H2   H N N 360 
VAL HA   H N N 361 
VAL HB   H N N 362 
VAL HG11 H N N 363 
VAL HG12 H N N 364 
VAL HG13 H N N 365 
VAL HG21 H N N 366 
VAL HG22 H N N 367 
VAL HG23 H N N 368 
VAL HXT  H N N 369 
# 
loop_
_chem_comp_bond.comp_id 
_chem_comp_bond.atom_id_1 
_chem_comp_bond.atom_id_2 
_chem_comp_bond.value_order 
_chem_comp_bond.pdbx_aromatic_flag 
_chem_comp_bond.pdbx_stereo_config 
_chem_comp_bond.pdbx_ordinal 
ALA N   CA   sing N N 1   
ALA N   H    sing N N 2   
ALA N   H2   sing N N 3   
ALA CA  C    sing N N 4   
ALA CA  CB   sing N N 5   
ALA CA  HA   sing N N 6   
ALA C   O    doub N N 7   
ALA C   OXT  sing N N 8   
ALA CB  HB1  sing N N 9   
ALA CB  HB2  sing N N 10  
ALA CB  HB3  sing N N 11  
ALA OXT HXT  sing N N 12  
ARG N   CA   sing N N 13  
ARG N   H    sing N N 14  
ARG N   H2   sing N N 15  
ARG CA  C    sing N N 16  
ARG CA  CB   sing N N 17  
ARG CA  HA   sing N N 18  
ARG C   O    doub N N 19  
ARG C   OXT  sing N N 20  
ARG CB  CG   sing N N 21  
ARG CB  HB2  sing N N 22  
ARG CB  HB3  sing N N 23  
ARG CG  CD   sing N N 24  
ARG CG  HG2  sing N N 25  
ARG CG  HG3  sing N N 26  
ARG CD  NE   sing N N 27  
ARG CD  HD2  sing N N 28  
ARG CD  HD3  sing N N 29  
ARG NE  CZ   sing N N 30  
ARG NE  HE   sing N N 31  
ARG CZ  NH1  sing N N 32  
ARG CZ  NH2  doub N N 33  
ARG NH1 HH11 sing N N 34  
ARG NH1 HH12 sing N N 35  
ARG NH2 HH21 sing N N 36  
ARG NH2 HH22 sing N N 37  
ARG OXT HXT  sing N N 38  
ASN N   CA   sing N N 39  
ASN N   H    sing N N 40  
ASN N   H2   sing N N 41  
ASN CA  C    sing N N 42  
ASN CA  CB   sing N N 43  
ASN CA  HA   sing N N 44  
ASN C   O    doub N N 45  
ASN C   OXT  sing N N 46  
ASN CB  CG   sing N N 47  
ASN CB  HB2  sing N N 48  
ASN CB  HB3  sing N N 49  
ASN CG  OD1  doub N N 50  
ASN CG  ND2  sing N N 51  
ASN ND2 HD21 sing N N 52  
ASN ND2 HD22 sing N N 53  
ASN OXT HXT  sing N N 54  
ASP N   CA   sing N N 55  
ASP N   H    sing N N 56  
ASP N   H2   sing N N 57  
ASP CA  C    sing N N 58  
ASP CA  CB   sing N N 59  
ASP CA  HA   sing N N 60  
ASP C   O    doub N N 61  
ASP C   OXT  sing N N 62  
ASP CB  CG   sing N N 63  
ASP CB  HB2  sing N N 64  
ASP CB  HB3  sing N N 65  
ASP CG  OD1  doub N N 66  
ASP CG  OD2  sing N N 67  
ASP OD2 HD2  sing N N 68  
ASP OXT HXT  sing N N 69  
CYS N   CA   sing N N 70  
CYS N   H    sing N N 71  
CYS N   H2   sing N N 72  
CYS CA  C    sing N N 73  
CYS CA  CB   sing N N 74  
CYS CA  HA   sing N N 75  
CYS C   O    doub N N 76  
CYS C   OXT  sing N N 77  
CYS CB  SG   sing N N 78  
CYS CB  HB2  sing N N 79  
CYS CB  HB3  sing N N 80  
CYS SG  HG   sing N N 81  
CYS OXT HXT  sing N N 82  
GLN N   CA   sing N N 83  
GLN N   H    sing N N 84  
GLN N   H2   sing N N 85  
GLN CA  C    sing N N 86  
GLN CA  CB   sing N N 87  
GLN CA  HA   sing N N 88  
GLN C   O    doub N N 89  
GLN C   OXT  sing N N 90  
GLN CB  CG   sing N N 91  
GLN CB  HB2  sing N N 92  
GLN CB  HB3  sing N N 93  
GLN CG  CD   sing N N 94  
GLN CG  HG2  sing N N 95  
GLN CG  HG3  sing N N 96  
GLN CD  OE1  doub N N 97  
GLN CD  NE2  sing N N 98  
GLN NE2 HE21 sing N N 99  
GLN NE2 HE22 sing N N 100 
GLN OXT HXT  sing N N 101 
GLU N   CA   sing N N 102 
GLU N   H    sing N N 103 
GLU N   H2   sing N N 104 
GLU CA  C    sing N N 105 
GLU CA  CB   sing N N 106 
GLU CA  HA   sing N N 107 
GLU C   O    doub N N 108 
GLU C   OXT  sing N N 109 
GLU CB  CG   sing N N 110 
GLU CB  HB2  sing N N 111 
GLU CB  HB3  sing N N 112 
GLU CG  CD   sing N N 113 
GLU CG  HG2  sing N N 114 
GLU CG  HG3  sing N N 115 
GLU CD  OE1  doub N N 116 
GLU CD  OE2  sing N N 117 
GLU OE2 HE2  sing N N 118 
GLU OXT HXT  sing N N 119 
GLY N   CA   sing N N 120 
GLY N   H    sing N N 121 
GLY N   H2   sing N N 122 
GLY CA  C    sing N N 123 
GLY CA  HA2  sing N N 124 
GLY CA  HA3  sing N N 125 
GLY C   O    doub N N 126 
GLY C   OXT  sing N N 127 
GLY OXT HXT  sing N N 128 
HOH O   H1   sing N N 129 
HOH O   H2   sing N N 130 
ILE N   CA   sing N N 131 
ILE N   H    sing N N 132 
ILE N   H2   sing N N 133 
ILE CA  C    sing N N 134 
ILE CA  CB   sing N N 135 
ILE CA  HA   sing N N 136 
ILE C   O    doub N N 137 
ILE C   OXT  sing N N 138 
ILE CB  CG1  sing N N 139 
ILE CB  CG2  sing N N 140 
ILE CB  HB   sing N N 141 
ILE CG1 CD1  sing N N 142 
ILE CG1 HG12 sing N N 143 
ILE CG1 HG13 sing N N 144 
ILE CG2 HG21 sing N N 145 
ILE CG2 HG22 sing N N 146 
ILE CG2 HG23 sing N N 147 
ILE CD1 HD11 sing N N 148 
ILE CD1 HD12 sing N N 149 
ILE CD1 HD13 sing N N 150 
ILE OXT HXT  sing N N 151 
LEU N   CA   sing N N 152 
LEU N   H    sing N N 153 
LEU N   H2   sing N N 154 
LEU CA  C    sing N N 155 
LEU CA  CB   sing N N 156 
LEU CA  HA   sing N N 157 
LEU C   O    doub N N 158 
LEU C   OXT  sing N N 159 
LEU CB  CG   sing N N 160 
LEU CB  HB2  sing N N 161 
LEU CB  HB3  sing N N 162 
LEU CG  CD1  sing N N 163 
LEU CG  CD2  sing N N 164 
LEU CG  HG   sing N N 165 
LEU CD1 HD11 sing N N 166 
LEU CD1 HD12 sing N N 167 
LEU CD1 HD13 sing N N 168 
LEU CD2 HD21 sing N N 169 
LEU CD2 HD22 sing N N 170 
LEU CD2 HD23 sing N N 171 
LEU OXT HXT  sing N N 172 
LYS N   CA   sing N N 173 
LYS N   H    sing N N 174 
LYS N   H2   sing N N 175 
LYS CA  C    sing N N 176 
LYS CA  CB   sing N N 177 
LYS CA  HA   sing N N 178 
LYS C   O    doub N N 179 
LYS C   OXT  sing N N 180 
LYS CB  CG   sing N N 181 
LYS CB  HB2  sing N N 182 
LYS CB  HB3  sing N N 183 
LYS CG  CD   sing N N 184 
LYS CG  HG2  sing N N 185 
LYS CG  HG3  sing N N 186 
LYS CD  CE   sing N N 187 
LYS CD  HD2  sing N N 188 
LYS CD  HD3  sing N N 189 
LYS CE  NZ   sing N N 190 
LYS CE  HE2  sing N N 191 
LYS CE  HE3  sing N N 192 
LYS NZ  HZ1  sing N N 193 
LYS NZ  HZ2  sing N N 194 
LYS NZ  HZ3  sing N N 195 
LYS OXT HXT  sing N N 196 
MET N   CA   sing N N 197 
MET N   H    sing N N 198 
MET N   H2   sing N N 199 
MET CA  C    sing N N 200 
MET CA  CB   sing N N 201 
MET CA  HA   sing N N 202 
MET C   O    doub N N 203 
MET C   OXT  sing N N 204 
MET CB  CG   sing N N 205 
MET CB  HB2  sing N N 206 
MET CB  HB3  sing N N 207 
MET CG  SD   sing N N 208 
MET CG  HG2  sing N N 209 
MET CG  HG3  sing N N 210 
MET SD  CE   sing N N 211 
MET CE  HE1  sing N N 212 
MET CE  HE2  sing N N 213 
MET CE  HE3  sing N N 214 
MET OXT HXT  sing N N 215 
PHE N   CA   sing N N 216 
PHE N   H    sing N N 217 
PHE N   H2   sing N N 218 
PHE CA  C    sing N N 219 
PHE CA  CB   sing N N 220 
PHE CA  HA   sing N N 221 
PHE C   O    doub N N 222 
PHE C   OXT  sing N N 223 
PHE CB  CG   sing N N 224 
PHE CB  HB2  sing N N 225 
PHE CB  HB3  sing N N 226 
PHE CG  CD1  doub Y N 227 
PHE CG  CD2  sing Y N 228 
PHE CD1 CE1  sing Y N 229 
PHE CD1 HD1  sing N N 230 
PHE CD2 CE2  doub Y N 231 
PHE CD2 HD2  sing N N 232 
PHE CE1 CZ   doub Y N 233 
PHE CE1 HE1  sing N N 234 
PHE CE2 CZ   sing Y N 235 
PHE CE2 HE2  sing N N 236 
PHE CZ  HZ   sing N N 237 
PHE OXT HXT  sing N N 238 
PRO N   CA   sing N N 239 
PRO N   CD   sing N N 240 
PRO N   H    sing N N 241 
PRO CA  C    sing N N 242 
PRO CA  CB   sing N N 243 
PRO CA  HA   sing N N 244 
PRO C   O    doub N N 245 
PRO C   OXT  sing N N 246 
PRO CB  CG   sing N N 247 
PRO CB  HB2  sing N N 248 
PRO CB  HB3  sing N N 249 
PRO CG  CD   sing N N 250 
PRO CG  HG2  sing N N 251 
PRO CG  HG3  sing N N 252 
PRO CD  HD2  sing N N 253 
PRO CD  HD3  sing N N 254 
PRO OXT HXT  sing N N 255 
SER N   CA   sing N N 256 
SER N   H    sing N N 257 
SER N   H2   sing N N 258 
SER CA  C    sing N N 259 
SER CA  CB   sing N N 260 
SER CA  HA   sing N N 261 
SER C   O    doub N N 262 
SER C   OXT  sing N N 263 
SER CB  OG   sing N N 264 
SER CB  HB2  sing N N 265 
SER CB  HB3  sing N N 266 
SER OG  HG   sing N N 267 
SER OXT HXT  sing N N 268 
THR N   CA   sing N N 269 
THR N   H    sing N N 270 
THR N   H2   sing N N 271 
THR CA  C    sing N N 272 
THR CA  CB   sing N N 273 
THR CA  HA   sing N N 274 
THR C   O    doub N N 275 
THR C   OXT  sing N N 276 
THR CB  OG1  sing N N 277 
THR CB  CG2  sing N N 278 
THR CB  HB   sing N N 279 
THR OG1 HG1  sing N N 280 
THR CG2 HG21 sing N N 281 
THR CG2 HG22 sing N N 282 
THR CG2 HG23 sing N N 283 
THR OXT HXT  sing N N 284 
TRP N   CA   sing N N 285 
TRP N   H    sing N N 286 
TRP N   H2   sing N N 287 
TRP CA  C    sing N N 288 
TRP CA  CB   sing N N 289 
TRP CA  HA   sing N N 290 
TRP C   O    doub N N 291 
TRP C   OXT  sing N N 292 
TRP CB  CG   sing N N 293 
TRP CB  HB2  sing N N 294 
TRP CB  HB3  sing N N 295 
TRP CG  CD1  doub Y N 296 
TRP CG  CD2  sing Y N 297 
TRP CD1 NE1  sing Y N 298 
TRP CD1 HD1  sing N N 299 
TRP CD2 CE2  doub Y N 300 
TRP CD2 CE3  sing Y N 301 
TRP NE1 CE2  sing Y N 302 
TRP NE1 HE1  sing N N 303 
TRP CE2 CZ2  sing Y N 304 
TRP CE3 CZ3  doub Y N 305 
TRP CE3 HE3  sing N N 306 
TRP CZ2 CH2  doub Y N 307 
TRP CZ2 HZ2  sing N N 308 
TRP CZ3 CH2  sing Y N 309 
TRP CZ3 HZ3  sing N N 310 
TRP CH2 HH2  sing N N 311 
TRP OXT HXT  sing N N 312 
TYR N   CA   sing N N 313 
TYR N   H    sing N N 314 
TYR N   H2   sing N N 315 
TYR CA  C    sing N N 316 
TYR CA  CB   sing N N 317 
TYR CA  HA   sing N N 318 
TYR C   O    doub N N 319 
TYR C   OXT  sing N N 320 
TYR CB  CG   sing N N 321 
TYR CB  HB2  sing N N 322 
TYR CB  HB3  sing N N 323 
TYR CG  CD1  doub Y N 324 
TYR CG  CD2  sing Y N 325 
TYR CD1 CE1  sing Y N 326 
TYR CD1 HD1  sing N N 327 
TYR CD2 CE2  doub Y N 328 
TYR CD2 HD2  sing N N 329 
TYR CE1 CZ   doub Y N 330 
TYR CE1 HE1  sing N N 331 
TYR CE2 CZ   sing Y N 332 
TYR CE2 HE2  sing N N 333 
TYR CZ  OH   sing N N 334 
TYR OH  HH   sing N N 335 
TYR OXT HXT  sing N N 336 
VAL N   CA   sing N N 337 
VAL N   H    sing N N 338 
VAL N   H2   sing N N 339 
VAL CA  C    sing N N 340 
VAL CA  CB   sing N N 341 
VAL CA  HA   sing N N 342 
VAL C   O    doub N N 343 
VAL C   OXT  sing N N 344 
VAL CB  CG1  sing N N 345 
VAL CB  CG2  sing N N 346 
VAL CB  HB   sing N N 347 
VAL CG1 HG11 sing N N 348 
VAL CG1 HG12 sing N N 349 
VAL CG1 HG13 sing N N 350 
VAL CG2 HG21 sing N N 351 
VAL CG2 HG22 sing N N 352 
VAL CG2 HG23 sing N N 353 
VAL OXT HXT  sing N N 354 
# 
_pdbx_entity_nonpoly.entity_id   2 
_pdbx_entity_nonpoly.name        water 
_pdbx_entity_nonpoly.comp_id     HOH 
# 
_pdbx_initial_refinement_model.id               1 
_pdbx_initial_refinement_model.entity_id_list   ? 
_pdbx_initial_refinement_model.type             'experimental model' 
_pdbx_initial_refinement_model.source_name      PDB 
_pdbx_initial_refinement_model.accession_code   1L0I 
_pdbx_initial_refinement_model.details          'PDB entry 1L0I' 
# 
